data_4GWA
#
_entry.id   4GWA
#
_cell.length_a   51.920
_cell.length_b   54.050
_cell.length_c   71.970
_cell.angle_alpha   94.130
_cell.angle_beta   95.700
_cell.angle_gamma   94.640
#
_symmetry.space_group_name_H-M   'P 1'
#
loop_
_entity.id
_entity.type
_entity.pdbx_description
1 polymer 'GH7 family protein'
2 non-polymer 'MAGNESIUM ION'
3 water water
#
_entity_poly.entity_id   1
_entity_poly.type   'polypeptide(L)'
_entity_poly.pdbx_seq_one_letter_code
;(PCA)QAGTETEEYHLPLTWERDGSSVSASVVIDSNWRWTHSTEDTTNCYDGNEWDSTLCPDADTCTENCAIDGVDQGTW
GDTYGITASGSKLTLSFVTEGEYSTDIGSRVFLMADDDNYEIFNLLDKEFSFDVDASNLPCGLNGALYFVSMDEDGGTSK
YSTNTAGAKYGTGYCDAQCPHDMKFIAGKANSDGWTPSDNDQNAGTGEMGACCHEMDIWEANSQAQSYTAHVCSVDGYTP
CTGTDCGDNGDDRYKGVCDKDGCDYAAYRLGQHDFYGEGGTVDSGSTLTVITQFITGGGGLNEIRRIYQQGGQTIQNAAV
NFPGDVDPYDSITEDFCVDIKRYFGDTNDFDAKGGMSGMSNALKKGMVLVMSLWDDHYANMLWLDATYPVDSTEPGALRG
PCSTDSGDPADVEANFPGSTVTFSNIKIGPIQSYD
;
_entity_poly.pdbx_strand_id   A,B
#
loop_
_chem_comp.id
_chem_comp.type
_chem_comp.name
_chem_comp.formula
MG non-polymer 'MAGNESIUM ION' 'Mg 2'
#
# COMPACT_ATOMS: atom_id res chain seq x y z
N PCA A 1 15.60 20.77 28.07
CA PCA A 1 16.59 21.44 27.24
CB PCA A 1 16.95 20.43 26.16
CG PCA A 1 15.79 19.44 26.16
CD PCA A 1 15.10 19.69 27.48
OE PCA A 1 14.20 18.93 27.91
C PCA A 1 16.04 22.66 26.54
O PCA A 1 14.81 22.70 26.21
N GLN A 2 16.96 23.64 26.34
CA GLN A 2 16.64 24.71 25.33
C GLN A 2 17.10 24.38 23.94
N ALA A 3 16.48 24.99 22.95
CA ALA A 3 16.89 24.85 21.56
C ALA A 3 18.04 25.77 21.18
N GLY A 4 19.00 25.22 20.44
CA GLY A 4 20.11 25.99 19.85
C GLY A 4 19.61 26.63 18.53
N THR A 5 20.46 27.47 17.95
CA THR A 5 20.07 28.18 16.74
C THR A 5 21.11 28.05 15.64
N GLU A 6 22.04 27.10 15.75
CA GLU A 6 23.02 26.90 14.67
C GLU A 6 22.38 26.36 13.39
N THR A 7 21.39 25.46 13.55
CA THR A 7 20.81 24.73 12.43
C THR A 7 19.28 24.84 12.52
N GLU A 8 18.64 25.11 11.38
CA GLU A 8 17.16 25.19 11.37
C GLU A 8 16.57 23.80 11.66
N GLU A 9 15.40 23.78 12.32
CA GLU A 9 14.64 22.53 12.49
C GLU A 9 13.63 22.27 11.41
N TYR A 10 13.75 21.12 10.73
CA TYR A 10 12.82 20.72 9.69
C TYR A 10 12.32 19.34 9.97
N HIS A 11 11.00 19.18 10.08
CA HIS A 11 10.46 17.78 10.26
C HIS A 11 10.26 17.16 8.88
N LEU A 12 10.72 15.91 8.67
CA LEU A 12 10.67 15.31 7.32
C LEU A 12 9.22 14.87 7.00
N PRO A 13 8.62 15.36 5.88
CA PRO A 13 7.20 15.03 5.65
C PRO A 13 6.95 13.56 5.45
N LEU A 14 5.81 13.10 5.99
CA LEU A 14 5.41 11.69 5.78
C LEU A 14 3.87 11.63 5.80
N THR A 15 3.27 10.94 4.83
CA THR A 15 1.84 10.83 4.81
C THR A 15 1.45 9.50 5.50
N TRP A 16 0.33 9.53 6.18
CA TRP A 16 -0.31 8.32 6.67
C TRP A 16 -1.83 8.40 6.53
N GLU A 17 -2.55 7.38 6.98
CA GLU A 17 -4.01 7.36 6.77
C GLU A 17 -4.75 7.11 8.07
N ARG A 18 -5.71 7.97 8.34
CA ARG A 18 -6.44 7.96 9.59
C ARG A 18 -7.92 7.85 9.28
N ASP A 19 -8.50 6.69 9.60
CA ASP A 19 -9.93 6.44 9.43
C ASP A 19 -10.36 6.80 8.00
N GLY A 20 -9.59 6.36 7.01
CA GLY A 20 -9.97 6.58 5.62
C GLY A 20 -9.50 7.88 4.97
N SER A 21 -8.90 8.79 5.72
CA SER A 21 -8.44 10.07 5.17
C SER A 21 -6.90 10.17 5.22
N SER A 22 -6.33 10.74 4.18
CA SER A 22 -4.89 11.00 4.09
CA SER A 22 -4.91 10.96 4.10
C SER A 22 -4.55 12.12 5.04
N VAL A 23 -3.40 11.99 5.73
CA VAL A 23 -2.95 12.99 6.70
C VAL A 23 -1.52 13.32 6.27
N SER A 24 -1.26 14.60 5.97
CA SER A 24 0.07 14.97 5.59
C SER A 24 0.75 15.39 6.86
N ALA A 25 1.60 14.52 7.39
CA ALA A 25 2.33 14.74 8.65
C ALA A 25 3.86 14.81 8.43
N SER A 26 4.64 14.47 9.45
CA SER A 26 6.09 14.55 9.38
C SER A 26 6.62 13.77 10.58
N VAL A 27 7.92 13.54 10.50
CA VAL A 27 8.64 12.90 11.62
C VAL A 27 9.74 13.81 12.16
N VAL A 28 10.10 13.59 13.42
CA VAL A 28 11.12 14.42 14.06
C VAL A 28 12.17 13.52 14.68
N ILE A 29 13.44 13.95 14.68
CA ILE A 29 14.54 13.10 15.25
C ILE A 29 14.52 13.21 16.81
N ASP A 30 14.62 12.08 17.52
CA ASP A 30 14.75 12.11 18.98
C ASP A 30 15.95 12.95 19.44
N SER A 31 15.73 13.77 20.48
CA SER A 31 16.75 14.64 21.04
C SER A 31 18.10 13.96 21.34
N ASN A 32 18.07 12.65 21.69
CA ASN A 32 19.31 11.97 21.99
C ASN A 32 20.25 11.83 20.78
N TRP A 33 19.70 11.97 19.56
CA TRP A 33 20.53 11.88 18.38
C TRP A 33 21.02 13.23 17.93
N ARG A 34 20.76 14.28 18.69
CA ARG A 34 21.12 15.64 18.28
C ARG A 34 22.44 16.07 18.90
N TRP A 35 22.94 17.20 18.43
CA TRP A 35 24.16 17.81 18.96
C TRP A 35 23.75 18.65 20.16
N THR A 36 24.41 18.47 21.31
CA THR A 36 24.11 19.28 22.51
C THR A 36 25.34 20.20 22.78
N HIS A 37 25.16 21.54 22.73
CA HIS A 37 26.34 22.43 22.77
C HIS A 37 26.04 23.61 23.62
N SER A 38 27.08 24.37 23.95
CA SER A 38 26.97 25.58 24.76
C SER A 38 26.04 26.61 24.11
N THR A 39 25.35 27.38 24.94
CA THR A 39 24.57 28.54 24.47
C THR A 39 25.50 29.70 24.06
N GLU A 40 26.79 29.60 24.36
CA GLU A 40 27.72 30.73 24.11
C GLU A 40 28.39 30.60 22.74
N ASP A 41 28.65 29.37 22.33
CA ASP A 41 29.41 29.08 21.12
C ASP A 41 29.20 27.61 20.68
N THR A 42 30.07 27.03 19.87
CA THR A 42 29.83 25.69 19.34
C THR A 42 30.48 24.62 20.21
N THR A 43 30.92 24.96 21.43
CA THR A 43 31.60 23.97 22.29
C THR A 43 30.56 22.89 22.62
N ASN A 44 30.93 21.61 22.46
CA ASN A 44 30.04 20.50 22.88
C ASN A 44 29.80 20.44 24.40
N CYS A 45 28.53 20.28 24.81
CA CYS A 45 28.26 19.99 26.22
C CYS A 45 28.43 18.51 26.42
N TYR A 46 27.97 17.77 25.43
CA TYR A 46 28.06 16.32 25.45
C TYR A 46 29.08 15.96 24.39
N ASP A 47 30.17 15.37 24.84
CA ASP A 47 31.34 15.24 23.96
C ASP A 47 31.85 13.80 24.03
N GLY A 48 31.64 13.05 22.93
CA GLY A 48 31.94 11.61 22.83
C GLY A 48 30.87 10.86 23.62
N ASN A 49 31.19 10.46 24.85
CA ASN A 49 30.19 9.87 25.74
C ASN A 49 30.28 10.37 27.16
N GLU A 50 30.75 11.60 27.33
CA GLU A 50 30.81 12.23 28.66
C GLU A 50 30.43 13.71 28.54
N TRP A 51 29.97 14.29 29.64
CA TRP A 51 29.62 15.72 29.57
C TRP A 51 30.81 16.57 29.94
N ASP A 52 30.84 17.78 29.37
CA ASP A 52 31.97 18.70 29.66
C ASP A 52 31.92 19.15 31.12
N SER A 53 32.95 18.92 31.93
CA SER A 53 32.67 19.15 33.36
C SER A 53 32.77 20.63 33.75
N THR A 54 33.29 21.46 32.84
CA THR A 54 33.23 22.94 33.04
C THR A 54 31.83 23.50 32.74
N LEU A 55 31.27 23.13 31.58
CA LEU A 55 29.92 23.53 31.21
C LEU A 55 28.87 22.89 32.13
N CYS A 56 29.15 21.63 32.52
CA CYS A 56 28.17 20.77 33.25
C CYS A 56 28.73 20.25 34.59
N PRO A 57 29.00 21.16 35.52
CA PRO A 57 29.51 20.71 36.81
C PRO A 57 28.42 20.06 37.66
N ASP A 58 27.15 20.44 37.44
CA ASP A 58 26.00 19.71 38.01
C ASP A 58 24.83 19.84 37.03
N ALA A 59 23.75 19.07 37.22
CA ALA A 59 22.69 19.05 36.19
C ALA A 59 22.01 20.40 35.95
N ASP A 60 21.86 21.20 37.03
CA ASP A 60 21.17 22.47 36.91
C ASP A 60 22.00 23.45 36.11
N THR A 61 23.32 23.42 36.33
CA THR A 61 24.19 24.34 35.58
C THR A 61 24.26 23.87 34.14
N CYS A 62 24.35 22.55 33.98
CA CYS A 62 24.40 21.97 32.64
C CYS A 62 23.13 22.38 31.85
N THR A 63 21.95 22.26 32.47
CA THR A 63 20.70 22.58 31.75
C THR A 63 20.68 24.10 31.39
N GLU A 64 21.24 24.94 32.26
CA GLU A 64 21.30 26.38 31.96
C GLU A 64 22.19 26.68 30.76
N ASN A 65 23.28 25.93 30.63
CA ASN A 65 24.33 26.21 29.71
C ASN A 65 24.23 25.53 28.37
N CYS A 66 23.29 24.59 28.19
CA CYS A 66 23.44 23.68 27.04
C CYS A 66 22.14 23.67 26.25
N ALA A 67 22.29 23.49 24.94
CA ALA A 67 21.20 23.53 23.98
C ALA A 67 21.29 22.39 22.96
N ILE A 68 20.11 21.89 22.55
CA ILE A 68 20.05 20.91 21.49
C ILE A 68 19.73 21.60 20.16
N ASP A 69 20.44 21.20 19.11
CA ASP A 69 20.26 21.98 17.86
C ASP A 69 19.41 21.29 16.83
N GLY A 70 19.10 22.02 15.77
CA GLY A 70 18.16 21.53 14.75
C GLY A 70 18.73 20.52 13.81
N VAL A 71 17.82 19.89 13.11
CA VAL A 71 18.13 18.97 12.00
C VAL A 71 17.40 19.61 10.80
N ASP A 72 18.20 20.11 9.87
CA ASP A 72 17.62 20.80 8.69
C ASP A 72 17.33 19.83 7.52
N GLN A 73 16.80 20.35 6.41
CA GLN A 73 16.32 19.48 5.35
C GLN A 73 17.43 18.54 4.87
N GLY A 74 18.64 19.06 4.67
CA GLY A 74 19.71 18.24 4.17
C GLY A 74 20.30 17.28 5.19
N THR A 75 20.09 17.58 6.46
CA THR A 75 20.74 16.79 7.54
C THR A 75 20.10 15.39 7.63
N TRP A 76 18.81 15.31 7.31
CA TRP A 76 18.12 13.99 7.38
C TRP A 76 18.85 12.95 6.61
N GLY A 77 19.13 13.25 5.34
CA GLY A 77 19.81 12.27 4.51
C GLY A 77 21.30 12.21 4.76
N ASP A 78 21.97 13.36 4.79
CA ASP A 78 23.44 13.36 4.84
C ASP A 78 24.02 12.90 6.17
N THR A 79 23.30 13.11 7.27
CA THR A 79 23.83 12.75 8.59
C THR A 79 23.18 11.49 9.10
N TYR A 80 21.87 11.32 8.88
CA TYR A 80 21.19 10.13 9.47
C TYR A 80 20.83 9.05 8.50
N GLY A 81 20.98 9.33 7.20
CA GLY A 81 20.62 8.38 6.14
C GLY A 81 19.13 8.12 6.07
N ILE A 82 18.33 9.11 6.51
CA ILE A 82 16.88 8.97 6.49
C ILE A 82 16.25 9.70 5.33
N THR A 83 15.39 8.98 4.63
CA THR A 83 14.63 9.51 3.48
C THR A 83 13.14 9.17 3.57
N ALA A 84 12.29 10.01 2.95
CA ALA A 84 10.90 9.71 2.87
C ALA A 84 10.36 10.09 1.54
N SER A 85 9.32 9.39 1.13
CA SER A 85 8.61 9.81 -0.08
C SER A 85 7.18 9.33 0.10
N GLY A 86 6.18 10.22 -0.02
CA GLY A 86 4.81 9.83 0.15
C GLY A 86 4.60 9.22 1.55
N SER A 87 4.15 7.98 1.61
CA SER A 87 3.90 7.31 2.91
CA SER A 87 3.89 7.31 2.89
C SER A 87 5.05 6.39 3.29
N LYS A 88 6.19 6.51 2.61
CA LYS A 88 7.31 5.60 2.83
C LYS A 88 8.45 6.31 3.57
N LEU A 89 8.99 5.64 4.60
CA LEU A 89 10.10 6.20 5.41
C LEU A 89 11.20 5.16 5.51
N THR A 90 12.44 5.55 5.16
CA THR A 90 13.55 4.58 5.21
C THR A 90 14.57 5.05 6.23
N LEU A 91 14.91 4.19 7.20
CA LEU A 91 15.96 4.48 8.19
C LEU A 91 17.22 3.74 7.83
N SER A 92 18.36 4.36 8.06
CA SER A 92 19.67 3.72 7.81
C SER A 92 20.38 3.32 9.09
N PHE A 93 21.35 2.44 8.93
CA PHE A 93 22.15 1.96 10.06
C PHE A 93 23.40 2.81 10.27
N VAL A 94 24.48 2.61 9.49
CA VAL A 94 25.69 3.39 9.72
C VAL A 94 25.72 4.43 8.60
N THR A 95 25.80 5.72 8.95
CA THR A 95 25.94 6.78 7.90
C THR A 95 27.21 7.55 8.23
N GLU A 96 28.20 7.51 7.34
CA GLU A 96 29.47 8.18 7.65
C GLU A 96 29.46 9.55 7.00
N GLY A 97 29.74 10.58 7.79
CA GLY A 97 30.02 11.91 7.25
C GLY A 97 31.53 12.14 7.26
N GLU A 98 31.95 13.36 6.92
CA GLU A 98 33.40 13.65 6.90
C GLU A 98 33.98 13.71 8.32
N TYR A 99 33.13 14.09 9.27
CA TYR A 99 33.56 14.46 10.62
C TYR A 99 32.94 13.67 11.74
N SER A 100 31.93 12.86 11.40
CA SER A 100 31.25 12.01 12.39
C SER A 100 30.46 10.89 11.69
N THR A 101 30.16 9.87 12.47
CA THR A 101 29.42 8.74 11.98
C THR A 101 28.18 8.61 12.86
N ASP A 102 27.05 8.46 12.22
CA ASP A 102 25.79 8.18 12.94
C ASP A 102 25.49 6.70 12.93
N ILE A 103 24.96 6.17 14.03
CA ILE A 103 24.50 4.77 14.12
C ILE A 103 23.01 4.81 14.43
N GLY A 104 22.26 4.39 13.43
CA GLY A 104 20.79 4.28 13.56
C GLY A 104 20.09 5.60 13.83
N SER A 105 18.85 5.51 14.34
CA SER A 105 18.06 6.73 14.58
C SER A 105 16.81 6.28 15.28
N ARG A 106 16.10 7.27 15.84
CA ARG A 106 14.77 7.06 16.39
C ARG A 106 13.98 8.30 16.08
N VAL A 107 12.77 8.11 15.56
CA VAL A 107 11.96 9.25 15.17
C VAL A 107 10.54 9.10 15.72
N PHE A 108 9.81 10.23 15.81
CA PHE A 108 8.44 10.23 16.30
C PHE A 108 7.55 10.86 15.25
N LEU A 109 6.34 10.36 15.12
CA LEU A 109 5.37 10.95 14.15
C LEU A 109 4.72 12.22 14.78
N MET A 110 4.73 13.31 14.02
CA MET A 110 4.22 14.58 14.50
C MET A 110 2.78 14.80 14.02
N ALA A 111 2.01 15.54 14.81
CA ALA A 111 0.64 16.04 14.41
C ALA A 111 0.83 17.42 13.76
N ASP A 112 1.76 18.19 14.31
CA ASP A 112 2.05 19.56 13.78
C ASP A 112 3.46 19.91 14.22
N ASP A 113 3.91 21.17 14.08
CA ASP A 113 5.33 21.43 14.35
C ASP A 113 5.68 21.30 15.83
N ASP A 114 4.68 21.32 16.71
CA ASP A 114 4.96 21.41 18.14
C ASP A 114 4.41 20.26 18.95
N ASN A 115 3.74 19.31 18.30
CA ASN A 115 3.06 18.22 19.05
C ASN A 115 3.19 16.91 18.36
N TYR A 116 3.50 15.86 19.12
CA TYR A 116 3.46 14.54 18.54
C TYR A 116 1.99 14.18 18.26
N GLU A 117 1.78 13.34 17.26
CA GLU A 117 0.50 12.70 17.04
C GLU A 117 0.17 11.71 18.18
N ILE A 118 -1.09 11.77 18.64
CA ILE A 118 -1.48 10.89 19.75
C ILE A 118 -2.44 9.88 19.18
N PHE A 119 -2.10 8.62 19.36
CA PHE A 119 -2.94 7.44 18.89
C PHE A 119 -3.70 6.84 20.06
N ASN A 120 -5.02 6.65 19.86
CA ASN A 120 -5.88 5.99 20.86
C ASN A 120 -6.24 4.64 20.21
N LEU A 121 -5.49 3.61 20.56
CA LEU A 121 -5.50 2.34 19.81
C LEU A 121 -6.65 1.42 20.23
N LEU A 122 -7.29 1.72 21.35
CA LEU A 122 -8.40 0.82 21.78
C LEU A 122 -9.52 0.68 20.76
N ASP A 123 -9.89 -0.58 20.49
CA ASP A 123 -10.96 -0.93 19.52
C ASP A 123 -10.63 -0.40 18.12
N LYS A 124 -9.34 -0.38 17.78
CA LYS A 124 -8.89 0.07 16.45
C LYS A 124 -7.97 -0.98 15.91
N GLU A 125 -7.77 -0.95 14.59
CA GLU A 125 -6.82 -1.80 13.93
C GLU A 125 -5.74 -0.85 13.35
N PHE A 126 -4.50 -1.15 13.67
CA PHE A 126 -3.35 -0.32 13.24
C PHE A 126 -2.55 -1.18 12.31
N SER A 127 -2.24 -0.72 11.12
CA SER A 127 -1.44 -1.53 10.18
C SER A 127 -0.35 -0.72 9.49
N PHE A 128 0.61 -1.43 8.91
CA PHE A 128 1.66 -0.75 8.13
C PHE A 128 2.33 -1.84 7.34
N ASP A 129 3.13 -1.42 6.37
CA ASP A 129 4.02 -2.32 5.62
C ASP A 129 5.43 -2.12 6.08
N VAL A 130 6.20 -3.20 6.08
CA VAL A 130 7.60 -3.11 6.45
C VAL A 130 8.41 -3.99 5.48
N ASP A 131 9.58 -3.49 5.10
CA ASP A 131 10.59 -4.29 4.44
C ASP A 131 11.74 -4.43 5.40
N ALA A 132 11.85 -5.64 5.98
CA ALA A 132 12.92 -6.01 6.91
C ALA A 132 14.02 -6.87 6.28
N SER A 133 13.99 -6.93 4.96
CA SER A 133 14.87 -7.82 4.24
C SER A 133 16.35 -7.45 4.32
N ASN A 134 16.65 -6.19 4.63
CA ASN A 134 18.01 -5.66 4.72
C ASN A 134 18.46 -5.51 6.16
N LEU A 135 17.88 -6.33 7.09
CA LEU A 135 18.26 -6.29 8.52
C LEU A 135 18.81 -7.64 8.91
N PRO A 136 20.11 -7.72 9.11
CA PRO A 136 20.65 -9.03 9.54
C PRO A 136 20.43 -9.30 11.03
N CYS A 137 20.75 -10.54 11.44
CA CYS A 137 20.92 -10.85 12.90
C CYS A 137 21.62 -9.70 13.60
N GLY A 138 21.08 -9.30 14.75
CA GLY A 138 21.70 -8.29 15.58
C GLY A 138 21.15 -6.87 15.42
N LEU A 139 20.29 -6.68 14.43
CA LEU A 139 19.66 -5.36 14.20
C LEU A 139 18.19 -5.44 14.56
N ASN A 140 17.59 -4.28 14.80
CA ASN A 140 16.21 -4.24 15.15
C ASN A 140 15.62 -2.98 14.48
N GLY A 141 14.73 -3.21 13.53
CA GLY A 141 13.93 -2.12 12.88
C GLY A 141 12.60 -2.17 13.64
N ALA A 142 12.36 -1.18 14.51
CA ALA A 142 11.22 -1.26 15.38
C ALA A 142 10.15 -0.22 15.15
N LEU A 143 8.89 -0.62 15.32
CA LEU A 143 7.78 0.35 15.26
C LEU A 143 6.97 0.07 16.55
N TYR A 144 6.76 1.11 17.35
CA TYR A 144 6.16 0.90 18.65
C TYR A 144 5.56 2.18 19.14
N PHE A 145 4.81 2.06 20.24
CA PHE A 145 4.17 3.21 20.87
C PHE A 145 4.61 3.37 22.28
N VAL A 146 4.71 4.64 22.72
CA VAL A 146 5.07 4.91 24.12
C VAL A 146 4.25 6.05 24.68
N SER A 147 4.05 6.02 25.98
CA SER A 147 3.22 7.01 26.65
C SER A 147 4.02 8.32 26.96
N MET A 148 4.59 8.92 25.89
CA MET A 148 5.24 10.25 26.00
C MET A 148 4.19 11.34 26.12
N ASP A 149 4.65 12.51 26.57
CA ASP A 149 3.78 13.68 26.58
C ASP A 149 3.63 14.21 25.16
N GLU A 150 2.42 14.68 24.84
CA GLU A 150 2.13 15.14 23.46
C GLU A 150 3.05 16.29 23.04
N ASP A 151 3.41 17.16 23.98
CA ASP A 151 4.28 18.28 23.64
C ASP A 151 5.75 18.00 24.01
N GLY A 152 6.10 16.75 24.26
CA GLY A 152 7.48 16.39 24.60
C GLY A 152 7.98 16.89 25.96
N GLY A 153 7.06 17.45 26.77
CA GLY A 153 7.35 17.91 28.13
C GLY A 153 7.41 19.40 28.35
N THR A 154 7.12 20.21 27.33
CA THR A 154 7.29 21.69 27.49
C THR A 154 6.33 22.28 28.51
N SER A 155 5.11 21.77 28.56
CA SER A 155 4.11 22.35 29.50
C SER A 155 4.38 21.99 30.91
N LYS A 156 4.86 20.76 31.17
CA LYS A 156 5.15 20.26 32.55
C LYS A 156 6.53 20.64 33.10
N TYR A 157 7.52 20.85 32.22
CA TYR A 157 8.93 21.00 32.71
C TYR A 157 9.44 22.32 32.19
N SER A 158 9.51 23.36 33.05
CA SER A 158 9.77 24.77 32.54
C SER A 158 11.09 24.99 31.85
N THR A 159 12.07 24.13 32.14
CA THR A 159 13.40 24.21 31.53
C THR A 159 13.47 23.44 30.22
N ASN A 160 12.40 22.76 29.84
CA ASN A 160 12.31 22.22 28.49
C ASN A 160 11.58 23.23 27.62
N THR A 161 12.34 24.06 26.91
CA THR A 161 11.67 24.98 26.02
C THR A 161 11.75 24.51 24.56
N ALA A 162 12.41 23.39 24.31
CA ALA A 162 12.60 22.87 22.97
C ALA A 162 11.38 22.03 22.59
N GLY A 163 11.05 21.04 23.44
CA GLY A 163 9.81 20.30 23.25
C GLY A 163 9.80 19.29 22.12
N ALA A 164 8.57 18.86 21.77
CA ALA A 164 8.34 17.88 20.69
C ALA A 164 8.86 18.36 19.36
N LYS A 165 8.86 19.69 19.16
CA LYS A 165 9.52 20.26 17.99
C LYS A 165 11.00 19.78 17.80
N TYR A 166 11.69 19.48 18.92
CA TYR A 166 13.07 19.04 18.86
C TYR A 166 13.16 17.60 19.38
N GLY A 167 12.03 16.92 19.38
CA GLY A 167 12.05 15.44 19.69
C GLY A 167 12.40 15.14 21.12
N THR A 168 12.00 16.02 22.03
CA THR A 168 12.29 15.76 23.46
C THR A 168 11.29 14.75 24.08
N GLY A 169 11.68 14.29 25.26
CA GLY A 169 10.70 13.60 26.15
C GLY A 169 10.54 12.11 25.89
N TYR A 170 11.51 11.48 25.24
CA TYR A 170 11.37 10.03 25.08
C TYR A 170 11.29 9.33 26.46
N CYS A 171 10.45 8.29 26.55
CA CYS A 171 10.49 7.39 27.72
C CYS A 171 10.09 6.04 27.14
N ASP A 172 10.38 4.96 27.86
CA ASP A 172 9.86 3.66 27.49
C ASP A 172 9.86 2.71 28.71
N ALA A 173 9.50 1.44 28.51
CA ALA A 173 9.32 0.59 29.69
C ALA A 173 10.63 0.05 30.21
N GLN A 174 11.75 0.47 29.62
CA GLN A 174 13.09 0.15 30.19
C GLN A 174 13.55 1.19 31.19
N CYS A 175 12.78 2.27 31.36
CA CYS A 175 13.25 3.37 32.28
C CYS A 175 14.70 3.73 31.93
N PRO A 176 14.97 4.02 30.63
CA PRO A 176 16.38 4.20 30.22
C PRO A 176 17.07 5.35 30.88
N HIS A 177 18.31 5.08 31.27
CA HIS A 177 19.18 6.10 31.87
C HIS A 177 20.08 6.75 30.84
N ASP A 178 20.04 6.25 29.61
CA ASP A 178 20.87 6.84 28.54
C ASP A 178 20.32 8.11 27.88
N MET A 179 19.11 8.52 28.28
CA MET A 179 18.52 9.76 27.85
C MET A 179 19.31 10.96 28.42
N LYS A 180 19.71 11.87 27.54
CA LYS A 180 20.53 13.00 27.96
C LYS A 180 19.75 14.10 28.60
N PHE A 181 18.45 14.15 28.27
CA PHE A 181 17.54 15.10 28.89
C PHE A 181 16.31 14.37 29.38
N ILE A 182 15.98 14.59 30.65
CA ILE A 182 14.85 13.90 31.30
C ILE A 182 14.25 14.94 32.21
N ALA A 183 12.92 15.03 32.16
CA ALA A 183 12.16 16.04 32.94
C ALA A 183 12.67 17.44 32.72
N GLY A 184 13.07 17.72 31.48
CA GLY A 184 13.52 19.06 31.04
C GLY A 184 14.93 19.37 31.50
N LYS A 185 15.60 18.43 32.12
CA LYS A 185 16.93 18.68 32.68
C LYS A 185 17.98 17.80 32.02
N ALA A 186 19.20 18.33 31.95
CA ALA A 186 20.34 17.48 31.59
C ALA A 186 20.52 16.37 32.60
N ASN A 187 20.67 15.17 32.10
CA ASN A 187 20.84 14.00 32.96
C ASN A 187 22.33 13.75 33.27
N SER A 188 23.04 14.81 33.65
CA SER A 188 24.51 14.74 33.71
C SER A 188 25.02 14.33 35.09
N ASP A 189 24.16 14.35 36.13
CA ASP A 189 24.60 13.97 37.48
C ASP A 189 24.79 12.47 37.47
N GLY A 190 25.98 12.05 37.96
CA GLY A 190 26.28 10.60 38.09
C GLY A 190 26.47 9.95 36.75
N TRP A 191 26.81 10.76 35.73
CA TRP A 191 27.02 10.17 34.39
C TRP A 191 28.21 9.20 34.34
N THR A 192 27.97 7.98 33.85
CA THR A 192 29.05 7.02 33.53
C THR A 192 29.04 6.75 32.03
N PRO A 193 30.18 6.91 31.35
CA PRO A 193 30.24 6.47 29.96
C PRO A 193 30.10 4.97 29.79
N SER A 194 29.45 4.57 28.70
CA SER A 194 29.43 3.12 28.32
C SER A 194 30.85 2.54 28.08
N ASP A 195 31.08 1.30 28.52
CA ASP A 195 32.35 0.63 28.13
C ASP A 195 32.40 0.11 26.70
N ASN A 196 31.25 0.01 26.04
CA ASN A 196 31.29 -0.51 24.66
C ASN A 196 30.56 0.31 23.64
N ASP A 197 29.91 1.37 24.10
CA ASP A 197 29.24 2.24 23.14
C ASP A 197 29.93 3.58 23.22
N GLN A 198 30.69 3.92 22.21
CA GLN A 198 31.44 5.19 22.26
C GLN A 198 30.56 6.46 22.24
N ASN A 199 29.25 6.30 21.98
CA ASN A 199 28.33 7.48 21.94
C ASN A 199 27.42 7.60 23.14
N ALA A 200 27.42 6.58 24.01
CA ALA A 200 26.39 6.48 25.01
C ALA A 200 26.91 6.42 26.44
N GLY A 201 26.05 6.79 27.38
CA GLY A 201 26.34 6.62 28.77
C GLY A 201 25.08 6.51 29.59
N THR A 202 25.19 6.57 30.90
CA THR A 202 23.98 6.56 31.70
C THR A 202 24.07 7.56 32.81
N GLY A 203 22.97 8.24 33.08
CA GLY A 203 22.86 9.21 34.17
C GLY A 203 21.99 8.74 35.31
N GLU A 204 21.88 9.53 36.35
CA GLU A 204 21.16 9.06 37.54
C GLU A 204 19.67 8.84 37.28
N MET A 205 19.06 9.67 36.42
CA MET A 205 17.65 9.56 36.14
C MET A 205 17.40 8.59 34.97
N GLY A 206 16.23 7.97 35.05
CA GLY A 206 15.69 7.19 33.96
C GLY A 206 14.36 7.80 33.55
N ALA A 207 13.90 7.40 32.34
CA ALA A 207 12.66 7.96 31.75
C ALA A 207 11.66 6.85 31.49
N CYS A 208 10.74 6.64 32.42
CA CYS A 208 9.78 5.49 32.39
C CYS A 208 8.44 5.84 31.80
N CYS A 209 7.88 4.91 31.03
CA CYS A 209 6.44 4.98 30.67
C CYS A 209 6.02 3.67 29.97
N HIS A 210 4.71 3.50 29.93
CA HIS A 210 4.13 2.35 29.22
C HIS A 210 4.61 2.29 27.77
N GLU A 211 4.63 1.07 27.26
CA GLU A 211 5.12 0.83 25.91
C GLU A 211 4.40 -0.33 25.26
N MET A 212 3.94 -0.09 24.03
CA MET A 212 3.32 -1.15 23.25
C MET A 212 4.15 -1.35 22.01
N ASP A 213 4.89 -2.47 21.97
CA ASP A 213 5.77 -2.74 20.80
C ASP A 213 4.99 -3.52 19.78
N ILE A 214 4.73 -2.89 18.66
CA ILE A 214 3.98 -3.52 17.54
C ILE A 214 4.91 -4.41 16.73
N TRP A 215 6.16 -4.00 16.58
CA TRP A 215 7.07 -4.72 15.69
C TRP A 215 8.47 -4.54 16.12
N GLU A 216 9.12 -5.60 16.61
CA GLU A 216 10.57 -5.56 16.82
C GLU A 216 11.11 -6.67 15.99
N ALA A 217 11.93 -6.35 14.99
CA ALA A 217 12.26 -7.43 14.06
C ALA A 217 13.53 -7.14 13.27
N ASN A 218 14.08 -8.24 12.73
CA ASN A 218 14.97 -8.18 11.60
C ASN A 218 14.55 -9.28 10.63
N SER A 219 15.42 -9.60 9.66
CA SER A 219 15.00 -10.59 8.65
C SER A 219 14.85 -12.01 9.23
N GLN A 220 15.24 -12.18 10.49
CA GLN A 220 15.33 -13.55 11.07
C GLN A 220 14.35 -13.82 12.19
N ALA A 221 13.79 -12.77 12.84
CA ALA A 221 12.88 -13.02 13.97
C ALA A 221 12.11 -11.74 14.23
N GLN A 222 10.94 -11.88 14.85
CA GLN A 222 10.02 -10.75 15.11
C GLN A 222 9.17 -11.03 16.35
N SER A 223 8.80 -9.97 17.07
CA SER A 223 7.92 -10.10 18.23
CA SER A 223 7.93 -10.09 18.26
C SER A 223 7.06 -8.87 18.35
N TYR A 224 5.96 -9.01 19.10
CA TYR A 224 5.18 -7.82 19.53
C TYR A 224 4.93 -8.04 21.01
N THR A 225 4.97 -6.96 21.78
CA THR A 225 5.03 -7.08 23.23
C THR A 225 4.32 -5.91 23.92
N ALA A 226 3.55 -6.22 24.96
CA ALA A 226 2.86 -5.16 25.74
C ALA A 226 3.68 -4.95 27.03
N HIS A 227 4.03 -3.69 27.33
CA HIS A 227 4.72 -3.41 28.62
C HIS A 227 3.93 -2.44 29.39
N VAL A 228 3.52 -2.81 30.62
CA VAL A 228 2.77 -1.87 31.39
C VAL A 228 3.58 -1.39 32.59
N CYS A 229 3.34 -0.15 32.96
CA CYS A 229 3.94 0.42 34.20
C CYS A 229 2.91 0.74 35.27
N SER A 230 3.39 0.88 36.50
CA SER A 230 2.48 1.23 37.58
C SER A 230 2.38 2.75 37.82
N VAL A 231 2.97 3.54 36.95
CA VAL A 231 2.94 5.03 37.04
C VAL A 231 2.23 5.58 35.83
N ASP A 232 1.80 6.84 35.95
CA ASP A 232 0.91 7.48 34.98
C ASP A 232 1.66 8.27 33.92
N GLY A 233 1.86 7.68 32.75
CA GLY A 233 2.59 8.36 31.70
C GLY A 233 4.08 8.58 31.97
N TYR A 234 4.60 9.62 31.32
CA TYR A 234 6.02 9.95 31.44
C TYR A 234 6.42 10.21 32.89
N THR A 235 7.35 9.41 33.36
CA THR A 235 7.68 9.41 34.76
C THR A 235 9.21 9.28 34.94
N PRO A 236 9.84 10.37 35.33
CA PRO A 236 11.26 10.31 35.69
C PRO A 236 11.44 9.42 36.91
N CYS A 237 12.50 8.63 36.92
CA CYS A 237 12.79 7.75 38.10
C CYS A 237 14.23 7.96 38.52
N THR A 238 14.48 7.64 39.82
CA THR A 238 15.85 7.43 40.23
C THR A 238 15.88 6.17 41.11
N GLY A 239 17.07 5.57 41.29
CA GLY A 239 17.21 4.54 42.32
C GLY A 239 16.40 3.27 41.98
N THR A 240 15.81 2.67 43.00
CA THR A 240 15.15 1.38 42.83
C THR A 240 13.94 1.53 41.89
N ASP A 241 13.31 2.72 41.87
CA ASP A 241 12.11 2.90 41.06
C ASP A 241 12.37 2.63 39.57
N CYS A 242 13.62 2.79 39.12
CA CYS A 242 13.96 2.53 37.70
C CYS A 242 14.00 1.05 37.36
N GLY A 243 14.07 0.20 38.39
CA GLY A 243 14.15 -1.25 38.16
C GLY A 243 15.30 -1.65 37.26
N ASP A 244 16.50 -1.12 37.54
CA ASP A 244 17.65 -1.36 36.68
C ASP A 244 17.99 -2.82 36.44
N ASN A 245 18.58 -3.09 35.27
CA ASN A 245 19.05 -4.45 34.94
C ASN A 245 19.87 -5.01 36.08
N GLY A 246 19.69 -6.31 36.32
CA GLY A 246 20.30 -6.97 37.43
C GLY A 246 19.31 -7.28 38.51
N ASP A 247 19.80 -7.20 39.75
CA ASP A 247 18.98 -7.43 40.93
C ASP A 247 17.69 -6.64 41.07
N ASP A 248 17.65 -5.41 40.50
CA ASP A 248 16.46 -4.57 40.65
C ASP A 248 15.47 -4.74 39.46
N ARG A 249 15.75 -5.66 38.53
CA ARG A 249 14.95 -5.75 37.26
C ARG A 249 13.44 -5.74 37.50
N TYR A 250 12.98 -6.43 38.56
CA TYR A 250 11.56 -6.58 38.82
C TYR A 250 11.09 -5.73 39.98
N LYS A 251 11.89 -4.76 40.40
CA LYS A 251 11.57 -3.95 41.57
C LYS A 251 11.16 -2.48 41.29
N GLY A 252 11.14 -2.09 40.02
CA GLY A 252 10.87 -0.73 39.67
C GLY A 252 9.41 -0.58 39.25
N VAL A 253 9.13 0.51 38.60
CA VAL A 253 7.74 0.87 38.29
C VAL A 253 7.32 0.35 36.89
N CYS A 254 8.26 -0.11 36.03
CA CYS A 254 7.80 -0.59 34.69
C CYS A 254 8.18 -2.06 34.54
N ASP A 255 7.36 -2.75 33.73
CA ASP A 255 7.65 -4.14 33.29
C ASP A 255 8.63 -4.19 32.12
N LYS A 256 9.92 -4.42 32.43
CA LYS A 256 10.95 -4.44 31.40
C LYS A 256 10.80 -5.58 30.43
N ASP A 257 10.37 -6.75 30.91
CA ASP A 257 10.34 -7.90 29.99
C ASP A 257 9.10 -7.76 29.07
N GLY A 258 8.01 -7.26 29.61
CA GLY A 258 6.74 -7.23 28.88
C GLY A 258 6.08 -8.59 28.69
N CYS A 259 4.81 -8.59 28.25
CA CYS A 259 4.19 -9.84 27.79
C CYS A 259 4.41 -9.89 26.27
N ASP A 260 5.35 -10.76 25.85
CA ASP A 260 5.84 -10.85 24.48
C ASP A 260 5.15 -11.99 23.76
N TYR A 261 4.84 -11.75 22.49
CA TYR A 261 4.36 -12.80 21.59
C TYR A 261 5.39 -12.85 20.44
N ALA A 262 6.30 -13.82 20.53
CA ALA A 262 7.44 -13.96 19.58
C ALA A 262 7.30 -15.33 18.93
N ALA A 263 6.79 -15.40 17.69
CA ALA A 263 6.39 -16.69 17.11
C ALA A 263 7.46 -17.79 17.20
N TYR A 264 8.71 -17.45 16.93
CA TYR A 264 9.81 -18.46 16.90
C TYR A 264 10.01 -18.95 18.35
N ARG A 265 10.02 -18.02 19.33
CA ARG A 265 10.15 -18.40 20.73
C ARG A 265 9.01 -19.30 21.19
N LEU A 266 7.86 -19.19 20.53
CA LEU A 266 6.66 -19.93 20.89
C LEU A 266 6.53 -21.20 20.08
N GLY A 267 7.64 -21.60 19.49
CA GLY A 267 7.73 -22.93 18.86
C GLY A 267 7.27 -22.96 17.41
N GLN A 268 7.26 -21.80 16.74
CA GLN A 268 6.84 -21.74 15.33
C GLN A 268 8.01 -21.25 14.54
N HIS A 269 8.93 -22.15 14.19
CA HIS A 269 10.24 -21.68 13.68
C HIS A 269 10.19 -21.28 12.23
N ASP A 270 9.27 -21.88 11.46
CA ASP A 270 9.26 -21.62 10.02
C ASP A 270 8.23 -20.57 9.62
N PHE A 271 7.61 -19.95 10.63
CA PHE A 271 6.51 -19.01 10.33
C PHE A 271 6.98 -17.71 9.71
N TYR A 272 8.06 -17.15 10.23
CA TYR A 272 8.58 -15.87 9.73
C TYR A 272 10.10 -16.03 9.52
N GLY A 273 10.55 -15.62 8.34
CA GLY A 273 11.99 -15.48 8.10
C GLY A 273 12.25 -15.64 6.61
N GLU A 274 13.50 -15.95 6.26
CA GLU A 274 13.82 -16.07 4.81
C GLU A 274 13.11 -17.29 4.24
N GLY A 275 12.18 -17.05 3.31
CA GLY A 275 11.35 -18.10 2.76
C GLY A 275 10.33 -18.65 3.75
N GLY A 276 10.05 -17.91 4.84
CA GLY A 276 9.02 -18.36 5.78
C GLY A 276 7.60 -18.23 5.22
N THR A 277 6.64 -18.70 5.99
CA THR A 277 5.18 -18.50 5.66
C THR A 277 4.96 -17.01 5.42
N VAL A 278 5.46 -16.20 6.35
CA VAL A 278 5.61 -14.77 6.14
C VAL A 278 7.09 -14.56 5.76
N ASP A 279 7.36 -14.10 4.52
CA ASP A 279 8.66 -14.11 3.97
C ASP A 279 9.37 -12.78 4.18
N SER A 280 10.40 -12.77 5.05
CA SER A 280 11.10 -11.53 5.35
C SER A 280 11.92 -10.97 4.19
N GLY A 281 12.02 -11.73 3.11
CA GLY A 281 12.78 -11.24 1.95
C GLY A 281 12.00 -10.22 1.15
N SER A 282 10.72 -9.94 1.48
CA SER A 282 10.04 -8.90 0.73
C SER A 282 9.09 -8.16 1.60
N THR A 283 8.56 -7.03 1.12
CA THR A 283 7.61 -6.29 1.94
C THR A 283 6.45 -7.14 2.49
N LEU A 284 6.07 -6.88 3.74
CA LEU A 284 4.90 -7.54 4.32
C LEU A 284 4.02 -6.51 5.06
N THR A 285 2.74 -6.82 5.21
CA THR A 285 1.79 -5.95 5.93
C THR A 285 1.51 -6.55 7.31
N VAL A 286 1.65 -5.70 8.33
CA VAL A 286 1.51 -6.13 9.75
C VAL A 286 0.26 -5.47 10.23
N ILE A 287 -0.71 -6.27 10.66
CA ILE A 287 -2.01 -5.75 11.11
C ILE A 287 -2.16 -6.10 12.58
N THR A 288 -2.56 -5.15 13.41
CA THR A 288 -2.68 -5.40 14.84
C THR A 288 -4.02 -4.87 15.29
N GLN A 289 -4.76 -5.70 16.03
CA GLN A 289 -6.13 -5.26 16.45
C GLN A 289 -6.20 -5.22 17.97
N PHE A 290 -6.68 -4.10 18.49
CA PHE A 290 -6.76 -3.95 19.98
C PHE A 290 -8.22 -4.17 20.37
N ILE A 291 -8.52 -5.42 20.68
CA ILE A 291 -9.91 -5.86 20.90
C ILE A 291 -10.36 -5.57 22.32
N THR A 292 -11.60 -5.06 22.44
CA THR A 292 -12.08 -4.64 23.78
C THR A 292 -13.28 -5.49 24.17
N GLY A 293 -13.50 -5.58 25.47
CA GLY A 293 -14.76 -6.16 26.01
C GLY A 293 -15.16 -5.20 27.13
N GLY A 294 -16.40 -4.71 27.07
CA GLY A 294 -16.77 -3.68 28.05
C GLY A 294 -15.89 -2.44 28.03
N GLY A 295 -15.34 -2.12 26.88
CA GLY A 295 -14.55 -0.88 26.72
C GLY A 295 -13.12 -1.05 27.20
N GLY A 296 -12.77 -2.26 27.67
CA GLY A 296 -11.39 -2.54 28.15
C GLY A 296 -10.66 -3.51 27.26
N LEU A 297 -9.37 -3.27 27.06
CA LEU A 297 -8.58 -4.23 26.24
C LEU A 297 -8.61 -5.63 26.78
N ASN A 298 -8.91 -6.61 25.93
CA ASN A 298 -8.80 -7.99 26.37
C ASN A 298 -8.00 -8.85 25.43
N GLU A 299 -7.57 -8.32 24.26
CA GLU A 299 -6.83 -9.21 23.36
C GLU A 299 -6.13 -8.31 22.36
N ILE A 300 -4.89 -8.68 22.02
CA ILE A 300 -4.16 -7.98 20.95
C ILE A 300 -3.88 -9.03 19.86
N ARG A 301 -4.67 -8.94 18.78
CA ARG A 301 -4.55 -9.92 17.67
C ARG A 301 -3.66 -9.42 16.58
N ARG A 302 -3.07 -10.37 15.87
CA ARG A 302 -2.12 -10.07 14.79
C ARG A 302 -2.53 -10.83 13.54
N ILE A 303 -2.54 -10.11 12.40
CA ILE A 303 -2.81 -10.72 11.09
C ILE A 303 -1.67 -10.23 10.18
N TYR A 304 -1.16 -11.08 9.29
CA TYR A 304 -0.25 -10.58 8.28
C TYR A 304 -0.89 -10.66 6.89
N GLN A 305 -0.45 -9.80 6.00
CA GLN A 305 -0.76 -9.97 4.56
C GLN A 305 0.49 -9.85 3.77
N GLN A 306 0.60 -10.68 2.74
CA GLN A 306 1.74 -10.55 1.88
C GLN A 306 1.35 -11.12 0.53
N GLY A 307 1.64 -10.41 -0.55
CA GLY A 307 1.34 -10.99 -1.90
C GLY A 307 -0.14 -11.31 -2.04
N GLY A 308 -0.98 -10.51 -1.38
CA GLY A 308 -2.43 -10.72 -1.43
C GLY A 308 -3.00 -11.84 -0.57
N GLN A 309 -2.12 -12.55 0.12
CA GLN A 309 -2.50 -13.66 0.98
C GLN A 309 -2.74 -13.15 2.38
N THR A 310 -3.79 -13.64 3.02
CA THR A 310 -4.04 -13.29 4.44
C THR A 310 -3.50 -14.45 5.27
N ILE A 311 -2.67 -14.11 6.29
CA ILE A 311 -1.93 -15.13 7.04
C ILE A 311 -2.25 -14.89 8.52
N GLN A 312 -3.01 -15.83 9.09
CA GLN A 312 -3.34 -15.73 10.52
C GLN A 312 -2.08 -15.93 11.36
N ASN A 313 -2.13 -15.41 12.57
CA ASN A 313 -0.96 -15.53 13.42
C ASN A 313 -0.66 -16.98 13.77
N ALA A 314 0.61 -17.30 13.91
CA ALA A 314 0.97 -18.66 14.28
C ALA A 314 0.71 -18.84 15.78
N ALA A 315 0.06 -19.94 16.09
CA ALA A 315 -0.32 -20.21 17.49
C ALA A 315 0.86 -20.85 18.30
N VAL A 316 0.85 -20.64 19.63
CA VAL A 316 1.79 -21.28 20.55
C VAL A 316 1.82 -22.79 20.26
N ASN A 317 3.02 -23.35 20.11
CA ASN A 317 3.24 -24.76 19.71
C ASN A 317 4.08 -25.47 20.75
N PHE A 318 3.43 -25.75 21.89
CA PHE A 318 4.02 -26.56 22.96
C PHE A 318 2.96 -27.59 23.37
N PRO A 319 2.75 -28.59 22.48
CA PRO A 319 1.69 -29.61 22.65
C PRO A 319 1.89 -30.32 24.00
N GLY A 320 0.84 -30.32 24.80
CA GLY A 320 0.83 -30.92 26.13
C GLY A 320 1.30 -29.97 27.22
N ASP A 321 1.85 -28.81 26.85
CA ASP A 321 2.37 -27.88 27.88
C ASP A 321 1.60 -26.60 28.02
N VAL A 322 1.21 -26.02 26.89
CA VAL A 322 0.57 -24.72 26.90
C VAL A 322 -0.53 -24.77 25.80
N ASP A 323 -1.67 -24.17 26.10
CA ASP A 323 -2.75 -24.11 25.08
C ASP A 323 -2.31 -23.30 23.84
N PRO A 324 -2.93 -23.58 22.71
CA PRO A 324 -2.55 -22.92 21.46
C PRO A 324 -3.18 -21.49 21.29
N TYR A 325 -2.84 -20.61 22.25
CA TYR A 325 -3.15 -19.20 22.09
C TYR A 325 -2.57 -18.71 20.77
N ASP A 326 -3.18 -17.65 20.21
CA ASP A 326 -2.62 -17.06 19.02
C ASP A 326 -2.65 -15.55 19.08
N SER A 327 -2.70 -15.00 20.29
CA SER A 327 -2.76 -13.56 20.50
C SER A 327 -2.30 -13.27 21.91
N ILE A 328 -2.10 -12.00 22.23
CA ILE A 328 -1.84 -11.62 23.60
C ILE A 328 -3.13 -11.47 24.36
N THR A 329 -3.30 -12.27 25.41
CA THR A 329 -4.46 -12.18 26.30
C THR A 329 -3.87 -12.38 27.71
N GLU A 330 -4.69 -12.06 28.72
CA GLU A 330 -4.31 -12.31 30.13
C GLU A 330 -3.91 -13.78 30.33
N ASP A 331 -4.71 -14.71 29.84
CA ASP A 331 -4.37 -16.14 30.05
C ASP A 331 -3.12 -16.60 29.37
N PHE A 332 -2.89 -16.07 28.15
CA PHE A 332 -1.65 -16.36 27.46
C PHE A 332 -0.47 -15.90 28.33
N CYS A 333 -0.53 -14.65 28.81
CA CYS A 333 0.63 -14.07 29.56
C CYS A 333 0.94 -14.90 30.82
N VAL A 334 -0.10 -15.25 31.55
CA VAL A 334 0.03 -16.06 32.76
C VAL A 334 0.65 -17.41 32.41
N ASP A 335 0.06 -18.10 31.44
CA ASP A 335 0.45 -19.51 31.19
C ASP A 335 1.83 -19.60 30.57
N ILE A 336 2.16 -18.65 29.66
CA ILE A 336 3.43 -18.74 28.98
C ILE A 336 4.57 -18.34 29.95
N LYS A 337 4.30 -17.39 30.85
CA LYS A 337 5.33 -17.02 31.77
C LYS A 337 5.56 -18.13 32.79
N ARG A 338 4.50 -18.85 33.13
CA ARG A 338 4.68 -20.00 34.05
C ARG A 338 5.56 -21.04 33.34
N TYR A 339 5.25 -21.29 32.07
CA TYR A 339 5.99 -22.29 31.30
C TYR A 339 7.45 -21.94 31.10
N PHE A 340 7.71 -20.65 30.84
CA PHE A 340 9.08 -20.20 30.59
C PHE A 340 9.84 -19.88 31.91
N GLY A 341 9.16 -19.99 33.06
CA GLY A 341 9.73 -19.57 34.36
C GLY A 341 10.12 -18.11 34.46
N ASP A 342 9.36 -17.26 33.76
CA ASP A 342 9.58 -15.80 33.78
C ASP A 342 8.67 -15.18 34.85
N THR A 343 9.23 -14.29 35.65
CA THR A 343 8.51 -13.50 36.66
C THR A 343 7.39 -12.73 35.96
N ASN A 344 6.15 -12.81 36.45
CA ASN A 344 5.07 -12.14 35.76
C ASN A 344 4.96 -10.68 36.26
N ASP A 345 5.91 -9.84 35.81
CA ASP A 345 5.92 -8.43 36.22
C ASP A 345 4.81 -7.68 35.44
N PHE A 346 4.38 -8.23 34.31
CA PHE A 346 3.25 -7.67 33.55
C PHE A 346 2.02 -7.64 34.43
N ASP A 347 1.63 -8.76 35.05
CA ASP A 347 0.53 -8.67 36.01
C ASP A 347 0.82 -7.81 37.24
N ALA A 348 2.06 -7.84 37.72
CA ALA A 348 2.37 -7.08 38.94
C ALA A 348 2.14 -5.58 38.73
N LYS A 349 2.34 -5.10 37.50
CA LYS A 349 2.28 -3.67 37.15
C LYS A 349 0.87 -3.26 36.69
N GLY A 350 -0.03 -4.23 36.57
CA GLY A 350 -1.42 -3.99 36.27
C GLY A 350 -2.05 -4.81 35.16
N GLY A 351 -1.25 -5.65 34.47
CA GLY A 351 -1.78 -6.61 33.50
C GLY A 351 -2.59 -5.98 32.38
N MET A 352 -3.52 -6.76 31.80
CA MET A 352 -4.28 -6.26 30.66
C MET A 352 -5.09 -5.01 31.03
N SER A 353 -5.61 -4.96 32.26
CA SER A 353 -6.31 -3.72 32.67
C SER A 353 -5.45 -2.48 32.70
N GLY A 354 -4.24 -2.63 33.28
CA GLY A 354 -3.33 -1.49 33.30
C GLY A 354 -2.90 -1.11 31.90
N MET A 355 -2.74 -2.12 31.04
CA MET A 355 -2.37 -1.84 29.67
C MET A 355 -3.51 -1.13 28.95
N SER A 356 -4.77 -1.53 29.24
CA SER A 356 -5.91 -0.89 28.59
C SER A 356 -5.96 0.60 28.97
N ASN A 357 -5.71 0.87 30.24
CA ASN A 357 -5.78 2.28 30.67
C ASN A 357 -4.67 3.10 30.05
N ALA A 358 -3.47 2.52 29.94
CA ALA A 358 -2.41 3.18 29.13
C ALA A 358 -2.84 3.53 27.73
N LEU A 359 -3.40 2.57 27.00
CA LEU A 359 -3.82 2.86 25.67
C LEU A 359 -4.90 3.92 25.62
N LYS A 360 -5.81 3.91 26.62
CA LYS A 360 -6.93 4.83 26.63
C LYS A 360 -6.40 6.27 26.72
N LYS A 361 -5.24 6.47 27.35
CA LYS A 361 -4.71 7.80 27.59
C LYS A 361 -3.91 8.31 26.37
N GLY A 362 -3.68 7.45 25.39
CA GLY A 362 -3.06 7.90 24.16
C GLY A 362 -1.56 7.70 24.17
N MET A 363 -1.02 7.37 23.00
CA MET A 363 0.44 7.06 22.90
C MET A 363 1.02 7.70 21.63
N VAL A 364 2.34 7.88 21.65
CA VAL A 364 3.12 8.42 20.52
C VAL A 364 3.73 7.28 19.72
N LEU A 365 3.72 7.45 18.40
CA LEU A 365 4.31 6.48 17.50
C LEU A 365 5.82 6.75 17.28
N VAL A 366 6.58 5.67 17.44
CA VAL A 366 8.01 5.69 17.33
C VAL A 366 8.45 4.72 16.24
N MET A 367 9.44 5.09 15.45
CA MET A 367 10.11 4.12 14.55
C MET A 367 11.61 4.27 14.79
N SER A 368 12.31 3.14 14.85
CA SER A 368 13.75 3.24 15.10
CA SER A 368 13.74 3.21 15.19
C SER A 368 14.52 2.11 14.48
N LEU A 369 15.84 2.28 14.39
CA LEU A 369 16.72 1.21 13.86
C LEU A 369 17.93 1.27 14.75
N TRP A 370 18.29 0.14 15.36
CA TRP A 370 19.35 0.18 16.41
C TRP A 370 20.00 -1.20 16.53
N ASP A 371 21.18 -1.17 17.12
CA ASP A 371 21.85 -2.36 17.56
C ASP A 371 21.95 -2.31 19.07
N ASP A 372 22.28 -3.45 19.69
CA ASP A 372 22.06 -3.63 21.15
C ASP A 372 23.40 -3.86 21.87
N HIS A 373 23.85 -2.86 22.63
CA HIS A 373 25.14 -2.92 23.27
C HIS A 373 25.06 -3.63 24.59
N TYR A 374 23.85 -3.93 25.05
CA TYR A 374 23.66 -4.70 26.30
C TYR A 374 23.63 -6.22 26.05
N ALA A 375 22.84 -6.65 25.06
CA ALA A 375 22.59 -8.09 24.88
C ALA A 375 22.67 -8.57 23.43
N ASN A 376 23.26 -7.75 22.55
CA ASN A 376 23.52 -8.15 21.17
C ASN A 376 22.27 -8.65 20.40
N MET A 377 21.09 -8.19 20.85
CA MET A 377 19.78 -8.56 20.24
C MET A 377 19.50 -10.07 20.36
N LEU A 378 20.22 -10.79 21.24
CA LEU A 378 20.12 -12.26 21.30
C LEU A 378 18.74 -12.68 21.84
N TRP A 379 18.20 -11.78 22.70
CA TRP A 379 16.84 -11.94 23.24
C TRP A 379 15.79 -11.97 22.20
N LEU A 380 16.08 -11.41 21.02
CA LEU A 380 15.12 -11.36 19.94
C LEU A 380 15.31 -12.50 18.97
N ASP A 381 16.58 -12.80 18.65
CA ASP A 381 16.85 -13.60 17.49
C ASP A 381 17.74 -14.83 17.66
N ALA A 382 18.23 -15.10 18.88
CA ALA A 382 19.22 -16.21 19.04
C ALA A 382 18.75 -17.09 20.19
N THR A 383 19.60 -17.28 21.19
CA THR A 383 19.22 -17.95 22.43
C THR A 383 19.63 -17.06 23.60
N TYR A 384 18.78 -16.97 24.62
CA TYR A 384 19.05 -16.02 25.69
C TYR A 384 18.35 -16.45 26.94
N PRO A 385 19.10 -16.55 28.05
CA PRO A 385 20.53 -16.41 28.19
C PRO A 385 21.27 -17.38 27.27
N VAL A 386 22.51 -17.02 26.93
CA VAL A 386 23.16 -17.74 25.82
C VAL A 386 23.35 -19.24 26.03
N ASP A 387 23.54 -19.62 27.26
CA ASP A 387 23.81 -21.09 27.52
C ASP A 387 22.61 -21.77 28.12
N SER A 388 21.49 -21.08 28.16
CA SER A 388 20.30 -21.71 28.72
C SER A 388 19.66 -22.75 27.78
N THR A 389 19.16 -23.84 28.33
CA THR A 389 18.59 -24.89 27.51
C THR A 389 17.18 -25.27 27.96
N GLU A 390 16.52 -24.40 28.70
CA GLU A 390 15.18 -24.68 29.18
C GLU A 390 14.13 -24.02 28.34
N PRO A 391 12.86 -24.36 28.56
CA PRO A 391 11.83 -23.70 27.71
C PRO A 391 11.88 -22.18 27.74
N GLY A 392 11.76 -21.56 26.56
CA GLY A 392 11.82 -20.07 26.47
C GLY A 392 13.18 -19.47 26.14
N ALA A 393 14.25 -20.26 26.24
CA ALA A 393 15.61 -19.76 25.93
C ALA A 393 15.77 -19.50 24.43
N LEU A 394 15.26 -20.41 23.60
CA LEU A 394 15.46 -20.33 22.17
C LEU A 394 14.55 -19.24 21.61
N ARG A 395 15.13 -18.26 20.96
CA ARG A 395 14.35 -17.11 20.44
C ARG A 395 14.34 -17.05 18.92
N GLY A 396 15.40 -17.49 18.28
CA GLY A 396 15.45 -17.40 16.84
C GLY A 396 16.62 -18.16 16.31
N PRO A 397 16.87 -18.05 15.00
CA PRO A 397 17.84 -18.90 14.33
C PRO A 397 19.27 -18.40 14.37
N CYS A 398 19.50 -17.23 14.95
CA CYS A 398 20.83 -16.62 14.89
C CYS A 398 21.79 -17.25 15.91
N SER A 399 23.06 -17.22 15.56
CA SER A 399 24.10 -17.67 16.49
C SER A 399 24.15 -16.85 17.79
N THR A 400 24.54 -17.48 18.90
CA THR A 400 24.79 -16.72 20.11
C THR A 400 26.04 -15.84 19.99
N ASP A 401 26.81 -15.99 18.91
CA ASP A 401 27.91 -15.07 18.71
C ASP A 401 27.55 -13.90 17.83
N SER A 402 26.30 -13.81 17.40
CA SER A 402 25.87 -12.76 16.45
C SER A 402 25.55 -11.48 17.20
N GLY A 403 25.44 -10.40 16.43
CA GLY A 403 24.96 -9.15 16.97
C GLY A 403 25.84 -8.28 17.84
N ASP A 404 27.15 -8.59 17.94
CA ASP A 404 28.02 -7.65 18.65
C ASP A 404 28.01 -6.34 17.84
N PRO A 405 27.74 -5.19 18.50
CA PRO A 405 27.70 -3.95 17.68
C PRO A 405 28.94 -3.67 16.90
N ALA A 406 30.12 -3.98 17.43
CA ALA A 406 31.35 -3.71 16.67
C ALA A 406 31.29 -4.53 15.39
N ASP A 407 30.82 -5.79 15.47
CA ASP A 407 30.82 -6.66 14.30
C ASP A 407 29.79 -6.17 13.26
N VAL A 408 28.54 -5.93 13.69
CA VAL A 408 27.48 -5.62 12.73
C VAL A 408 27.71 -4.25 12.11
N GLU A 409 28.23 -3.30 12.88
CA GLU A 409 28.50 -1.95 12.34
C GLU A 409 29.61 -2.03 11.29
N ALA A 410 30.59 -2.91 11.52
CA ALA A 410 31.69 -3.10 10.52
C ALA A 410 31.21 -3.86 9.29
N ASN A 411 30.37 -4.88 9.49
CA ASN A 411 30.02 -5.78 8.38
C ASN A 411 28.74 -5.56 7.63
N PHE A 412 27.76 -4.95 8.31
CA PHE A 412 26.50 -4.68 7.63
C PHE A 412 26.11 -3.20 7.78
N PRO A 413 27.07 -2.27 7.52
CA PRO A 413 26.73 -0.88 7.75
C PRO A 413 25.61 -0.39 6.84
N GLY A 414 25.38 -1.02 5.67
CA GLY A 414 24.38 -0.55 4.70
C GLY A 414 22.96 -0.99 5.02
N SER A 415 22.81 -1.65 6.19
CA SER A 415 21.47 -2.13 6.62
C SER A 415 20.44 -0.98 6.67
N THR A 416 19.18 -1.29 6.35
CA THR A 416 18.13 -0.28 6.35
C THR A 416 16.83 -0.93 6.67
N VAL A 417 15.85 -0.14 7.09
CA VAL A 417 14.49 -0.66 7.23
C VAL A 417 13.59 0.34 6.56
N THR A 418 12.54 -0.11 5.87
CA THR A 418 11.58 0.83 5.29
C THR A 418 10.19 0.54 5.82
N PHE A 419 9.57 1.57 6.40
CA PHE A 419 8.20 1.46 6.94
C PHE A 419 7.31 2.25 5.99
N SER A 420 6.09 1.77 5.75
CA SER A 420 5.20 2.52 4.84
C SER A 420 3.73 2.28 5.10
N ASN A 421 2.89 3.14 4.52
CA ASN A 421 1.44 2.91 4.54
C ASN A 421 0.90 2.75 5.95
N ILE A 422 1.35 3.64 6.83
CA ILE A 422 0.84 3.62 8.21
C ILE A 422 -0.65 3.96 8.19
N LYS A 423 -1.45 3.21 8.90
CA LYS A 423 -2.92 3.30 8.82
C LYS A 423 -3.55 2.96 10.16
N ILE A 424 -4.57 3.71 10.52
CA ILE A 424 -5.41 3.36 11.66
C ILE A 424 -6.86 3.45 11.23
N GLY A 425 -7.67 2.54 11.72
CA GLY A 425 -9.11 2.50 11.30
C GLY A 425 -9.85 1.47 12.12
N PRO A 426 -11.14 1.21 11.77
CA PRO A 426 -11.97 0.29 12.53
C PRO A 426 -11.47 -1.12 12.32
N ILE A 427 -11.69 -1.97 13.31
CA ILE A 427 -11.29 -3.38 13.26
C ILE A 427 -12.04 -4.12 12.15
N GLN A 428 -11.28 -4.80 11.28
CA GLN A 428 -11.88 -5.49 10.12
C GLN A 428 -11.89 -6.97 10.34
N SER A 429 -12.72 -7.68 9.57
CA SER A 429 -12.72 -9.14 9.63
C SER A 429 -11.77 -9.74 8.58
N TYR A 430 -10.96 -10.71 8.97
CA TYR A 430 -9.98 -11.33 8.05
C TYR A 430 -10.18 -12.84 7.89
N ASP A 431 -10.01 -13.33 6.67
CA ASP A 431 -10.18 -14.76 6.41
C ASP A 431 -9.14 -15.27 5.43
N PCA B 1 5.03 -13.10 -27.98
CA PCA B 1 6.20 -12.95 -27.13
CB PCA B 1 5.77 -11.93 -26.06
CG PCA B 1 4.25 -12.01 -26.09
CD PCA B 1 3.91 -12.58 -27.43
OE PCA B 1 2.75 -12.58 -27.92
C PCA B 1 6.63 -14.26 -26.47
O PCA B 1 5.76 -15.11 -26.16
N GLN B 2 7.95 -14.38 -26.32
CA GLN B 2 8.43 -15.46 -25.38
C GLN B 2 8.54 -14.87 -23.99
N ALA B 3 8.47 -15.72 -22.96
CA ALA B 3 8.69 -15.30 -21.60
C ALA B 3 10.17 -15.18 -21.20
N GLY B 4 10.48 -14.17 -20.42
CA GLY B 4 11.79 -13.96 -19.80
C GLY B 4 11.88 -14.73 -18.50
N THR B 5 13.11 -14.91 -18.04
CA THR B 5 13.39 -15.79 -16.89
C THR B 5 14.06 -15.06 -15.76
N GLU B 6 14.13 -13.73 -15.81
CA GLU B 6 14.79 -12.99 -14.70
C GLU B 6 13.96 -13.02 -13.42
N THR B 7 12.64 -12.94 -13.58
CA THR B 7 11.71 -12.81 -12.46
C THR B 7 10.62 -13.88 -12.56
N GLU B 8 10.35 -14.60 -11.47
CA GLU B 8 9.25 -15.57 -11.51
C GLU B 8 7.91 -14.81 -11.56
N GLU B 9 6.95 -15.39 -12.28
CA GLU B 9 5.68 -14.68 -12.44
C GLU B 9 4.84 -15.03 -11.23
N TYR B 10 4.18 -14.02 -10.65
CA TYR B 10 3.23 -14.23 -9.57
C TYR B 10 1.91 -13.64 -9.94
N HIS B 11 0.84 -14.43 -9.81
CA HIS B 11 -0.54 -13.88 -10.00
C HIS B 11 -1.09 -13.51 -8.66
N LEU B 12 -1.59 -12.29 -8.55
CA LEU B 12 -2.04 -11.76 -7.25
C LEU B 12 -3.41 -12.38 -6.90
N PRO B 13 -3.54 -13.03 -5.75
CA PRO B 13 -4.81 -13.71 -5.47
C PRO B 13 -5.99 -12.77 -5.32
N LEU B 14 -7.16 -13.23 -5.73
CA LEU B 14 -8.37 -12.49 -5.59
C LEU B 14 -9.54 -13.43 -5.59
N THR B 15 -10.42 -13.34 -4.59
CA THR B 15 -11.56 -14.22 -4.57
C THR B 15 -12.80 -13.56 -5.17
N TRP B 16 -13.65 -14.36 -5.80
CA TRP B 16 -14.90 -13.85 -6.33
C TRP B 16 -15.94 -14.92 -6.19
N GLU B 17 -17.16 -14.64 -6.65
CA GLU B 17 -18.27 -15.55 -6.35
C GLU B 17 -18.95 -15.94 -7.62
N ARG B 18 -19.13 -17.25 -7.83
CA ARG B 18 -19.74 -17.71 -9.03
C ARG B 18 -20.89 -18.64 -8.64
N ASP B 19 -22.11 -18.25 -9.00
CA ASP B 19 -23.31 -19.06 -8.73
C ASP B 19 -23.37 -19.49 -7.27
N GLY B 20 -23.15 -18.56 -6.34
CA GLY B 20 -23.09 -18.86 -4.92
C GLY B 20 -21.87 -19.55 -4.34
N SER B 21 -20.86 -19.86 -5.17
CA SER B 21 -19.68 -20.54 -4.64
C SER B 21 -18.49 -19.58 -4.64
N SER B 22 -17.68 -19.68 -3.60
CA SER B 22 -16.49 -18.85 -3.53
C SER B 22 -15.41 -19.40 -4.45
N VAL B 23 -14.84 -18.57 -5.35
CA VAL B 23 -13.76 -19.02 -6.22
C VAL B 23 -12.45 -18.27 -5.83
N SER B 24 -11.44 -19.03 -5.43
CA SER B 24 -10.16 -18.42 -5.01
C SER B 24 -9.23 -18.34 -6.19
N ALA B 25 -9.33 -17.21 -6.88
CA ALA B 25 -8.70 -17.05 -8.22
C ALA B 25 -7.52 -16.07 -8.09
N SER B 26 -7.20 -15.36 -9.18
CA SER B 26 -6.07 -14.42 -9.13
C SER B 26 -6.18 -13.52 -10.32
N VAL B 27 -5.37 -12.47 -10.32
CA VAL B 27 -5.25 -11.58 -11.51
C VAL B 27 -3.84 -11.52 -12.04
N VAL B 28 -3.78 -11.12 -13.30
CA VAL B 28 -2.44 -11.03 -13.98
C VAL B 28 -2.29 -9.63 -14.60
N ILE B 29 -1.07 -9.09 -14.62
CA ILE B 29 -0.83 -7.77 -15.22
C ILE B 29 -0.69 -7.90 -16.77
N ASP B 30 -1.33 -7.01 -17.54
CA ASP B 30 -1.27 -7.01 -18.99
C ASP B 30 0.18 -6.92 -19.43
N SER B 31 0.51 -7.73 -20.46
CA SER B 31 1.87 -7.67 -21.01
C SER B 31 2.43 -6.25 -21.33
N ASN B 32 1.55 -5.32 -21.66
CA ASN B 32 2.00 -3.96 -22.05
C ASN B 32 2.63 -3.20 -20.88
N TRP B 33 2.38 -3.67 -19.64
CA TRP B 33 2.96 -3.04 -18.45
C TRP B 33 4.24 -3.71 -18.00
N ARG B 34 4.70 -4.69 -18.77
CA ARG B 34 5.85 -5.48 -18.37
C ARG B 34 7.17 -4.93 -18.94
N TRP B 35 8.25 -5.45 -18.39
CA TRP B 35 9.59 -5.24 -18.95
C TRP B 35 9.83 -6.13 -20.13
N THR B 36 10.19 -5.53 -21.26
CA THR B 36 10.48 -6.33 -22.47
C THR B 36 11.96 -6.20 -22.75
N HIS B 37 12.68 -7.33 -22.65
CA HIS B 37 14.14 -7.26 -22.78
C HIS B 37 14.72 -8.35 -23.64
N SER B 38 16.00 -8.17 -24.01
CA SER B 38 16.74 -9.17 -24.79
C SER B 38 16.75 -10.56 -24.11
N THR B 39 16.77 -11.56 -24.95
CA THR B 39 16.91 -12.94 -24.43
C THR B 39 18.38 -13.18 -24.02
N GLU B 40 19.28 -12.22 -24.27
CA GLU B 40 20.75 -12.35 -24.04
C GLU B 40 21.20 -11.79 -22.72
N ASP B 41 20.50 -10.76 -22.25
CA ASP B 41 20.88 -10.05 -21.04
C ASP B 41 19.73 -9.16 -20.61
N THR B 42 20.01 -8.14 -19.82
CA THR B 42 18.94 -7.26 -19.31
C THR B 42 18.73 -6.01 -20.17
N THR B 43 19.29 -5.95 -21.39
CA THR B 43 19.09 -4.81 -22.28
C THR B 43 17.63 -4.70 -22.67
N ASN B 44 17.06 -3.52 -22.51
CA ASN B 44 15.66 -3.28 -22.88
C ASN B 44 15.47 -3.42 -24.38
N CYS B 45 14.46 -4.18 -24.77
CA CYS B 45 14.01 -4.14 -26.17
C CYS B 45 13.09 -2.94 -26.39
N TYR B 46 12.26 -2.64 -25.39
CA TYR B 46 11.41 -1.49 -25.51
C TYR B 46 11.91 -0.55 -24.42
N ASP B 47 12.29 0.64 -24.83
CA ASP B 47 13.07 1.50 -23.91
C ASP B 47 12.53 2.90 -23.93
N GLY B 48 11.83 3.31 -22.87
CA GLY B 48 11.13 4.63 -22.94
C GLY B 48 9.87 4.49 -23.73
N ASN B 49 9.87 5.02 -24.95
CA ASN B 49 8.71 4.77 -25.82
C ASN B 49 9.10 4.44 -27.23
N GLU B 50 10.32 3.90 -27.33
CA GLU B 50 10.79 3.36 -28.59
C GLU B 50 11.44 1.99 -28.43
N TRP B 51 11.46 1.27 -29.55
CA TRP B 51 12.16 -0.02 -29.56
C TRP B 51 13.63 0.17 -29.88
N ASP B 52 14.47 -0.65 -29.28
CA ASP B 52 15.89 -0.69 -29.65
C ASP B 52 16.10 -1.14 -31.08
N SER B 53 16.62 -0.28 -31.94
CA SER B 53 16.63 -0.66 -33.37
C SER B 53 17.72 -1.69 -33.70
N THR B 54 18.72 -1.91 -32.82
CA THR B 54 19.67 -3.06 -33.00
C THR B 54 18.98 -4.39 -32.72
N LEU B 55 18.28 -4.48 -31.57
CA LEU B 55 17.59 -5.74 -31.22
C LEU B 55 16.36 -5.96 -32.09
N CYS B 56 15.74 -4.85 -32.55
CA CYS B 56 14.44 -4.85 -33.23
C CYS B 56 14.54 -4.10 -34.55
N PRO B 57 15.36 -4.60 -35.49
CA PRO B 57 15.40 -3.89 -36.78
C PRO B 57 14.13 -4.10 -37.63
N ASP B 58 13.45 -5.21 -37.38
CA ASP B 58 12.13 -5.47 -37.92
C ASP B 58 11.33 -6.37 -36.95
N ALA B 59 10.03 -6.57 -37.23
CA ALA B 59 9.19 -7.24 -36.19
C ALA B 59 9.58 -8.67 -35.97
N ASP B 60 10.01 -9.33 -37.04
CA ASP B 60 10.36 -10.74 -36.86
C ASP B 60 11.62 -10.91 -36.02
N THR B 61 12.64 -10.08 -36.29
CA THR B 61 13.87 -10.17 -35.48
C THR B 61 13.58 -9.75 -34.04
N CYS B 62 12.74 -8.71 -33.88
CA CYS B 62 12.36 -8.27 -32.55
C CYS B 62 11.74 -9.41 -31.75
N THR B 63 10.80 -10.10 -32.40
CA THR B 63 10.07 -11.19 -31.74
C THR B 63 11.03 -12.29 -31.36
N GLU B 64 12.04 -12.53 -32.21
CA GLU B 64 13.02 -13.56 -31.92
C GLU B 64 13.89 -13.19 -30.68
N ASN B 65 14.20 -11.89 -30.53
CA ASN B 65 15.18 -11.45 -29.57
C ASN B 65 14.63 -10.97 -28.25
N CYS B 66 13.32 -10.79 -28.19
CA CYS B 66 12.82 -10.07 -27.01
C CYS B 66 11.88 -10.92 -26.18
N ALA B 67 11.86 -10.68 -24.87
CA ALA B 67 11.06 -11.50 -23.98
C ALA B 67 10.38 -10.60 -22.96
N ILE B 68 9.18 -11.01 -22.52
CA ILE B 68 8.49 -10.25 -21.44
C ILE B 68 8.72 -10.95 -20.14
N ASP B 69 9.00 -10.22 -19.07
CA ASP B 69 9.40 -10.93 -17.84
C ASP B 69 8.32 -10.94 -16.78
N GLY B 70 8.56 -11.71 -15.73
CA GLY B 70 7.53 -11.86 -14.71
C GLY B 70 7.42 -10.69 -13.78
N VAL B 71 6.33 -10.70 -13.04
CA VAL B 71 6.06 -9.71 -11.99
C VAL B 71 6.02 -10.49 -10.70
N ASP B 72 6.96 -10.27 -9.79
CA ASP B 72 6.93 -11.17 -8.62
C ASP B 72 6.09 -10.59 -7.50
N GLN B 73 6.09 -11.25 -6.36
CA GLN B 73 5.14 -10.88 -5.33
C GLN B 73 5.29 -9.45 -4.89
N GLY B 74 6.52 -9.03 -4.60
CA GLY B 74 6.75 -7.68 -4.14
C GLY B 74 6.54 -6.58 -5.19
N THR B 75 6.77 -6.92 -6.45
CA THR B 75 6.61 -6.02 -7.60
C THR B 75 5.17 -5.44 -7.73
N TRP B 76 4.18 -6.26 -7.45
CA TRP B 76 2.79 -5.81 -7.59
C TRP B 76 2.56 -4.54 -6.85
N GLY B 77 2.95 -4.54 -5.57
CA GLY B 77 2.74 -3.35 -4.76
C GLY B 77 3.78 -2.29 -4.99
N ASP B 78 5.07 -2.72 -5.01
CA ASP B 78 6.17 -1.77 -4.93
C ASP B 78 6.32 -0.99 -6.26
N THR B 79 6.04 -1.66 -7.39
CA THR B 79 6.13 -1.04 -8.72
C THR B 79 4.79 -0.55 -9.26
N TYR B 80 3.76 -1.38 -9.17
CA TYR B 80 2.50 -1.00 -9.83
C TYR B 80 1.46 -0.43 -8.87
N GLY B 81 1.71 -0.54 -7.56
CA GLY B 81 0.77 0.03 -6.55
C GLY B 81 -0.54 -0.76 -6.53
N ILE B 82 -0.46 -2.06 -6.85
CA ILE B 82 -1.68 -2.89 -6.84
C ILE B 82 -1.65 -3.80 -5.62
N THR B 83 -2.69 -3.77 -4.81
CA THR B 83 -2.83 -4.72 -3.67
C THR B 83 -4.17 -5.43 -3.69
N ALA B 84 -4.27 -6.58 -3.02
CA ALA B 84 -5.53 -7.30 -2.96
C ALA B 84 -5.66 -7.78 -1.50
N SER B 85 -6.89 -7.88 -1.05
CA SER B 85 -7.16 -8.52 0.23
C SER B 85 -8.53 -9.22 0.08
N GLY B 86 -8.58 -10.54 0.24
CA GLY B 86 -9.82 -11.25 0.02
C GLY B 86 -10.47 -11.03 -1.34
N SER B 87 -11.61 -10.35 -1.34
CA SER B 87 -12.33 -10.11 -2.60
CA SER B 87 -12.36 -10.11 -2.58
C SER B 87 -12.12 -8.68 -3.08
N LYS B 88 -11.18 -7.97 -2.44
CA LYS B 88 -10.93 -6.55 -2.79
C LYS B 88 -9.65 -6.39 -3.57
N LEU B 89 -9.67 -5.53 -4.59
CA LEU B 89 -8.46 -5.23 -5.39
C LEU B 89 -8.38 -3.74 -5.54
N THR B 90 -7.20 -3.18 -5.23
CA THR B 90 -6.98 -1.75 -5.36
C THR B 90 -5.90 -1.49 -6.44
N LEU B 91 -6.23 -0.61 -7.40
CA LEU B 91 -5.27 -0.18 -8.41
C LEU B 91 -4.89 1.26 -8.12
N SER B 92 -3.62 1.61 -8.39
CA SER B 92 -3.11 2.96 -8.21
C SER B 92 -2.85 3.69 -9.51
N PHE B 93 -2.64 4.99 -9.36
CA PHE B 93 -2.40 5.82 -10.52
C PHE B 93 -0.90 5.99 -10.71
N VAL B 94 -0.29 6.97 -10.04
CA VAL B 94 1.15 7.20 -10.19
C VAL B 94 1.86 6.51 -9.05
N THR B 95 2.69 5.48 -9.34
CA THR B 95 3.53 4.86 -8.32
C THR B 95 5.00 5.11 -8.63
N GLU B 96 5.67 5.80 -7.70
CA GLU B 96 7.07 6.16 -7.89
C GLU B 96 7.93 5.11 -7.21
N GLY B 97 8.75 4.42 -8.00
CA GLY B 97 9.71 3.46 -7.45
C GLY B 97 11.04 4.16 -7.32
N GLU B 98 12.09 3.44 -6.93
CA GLU B 98 13.39 4.11 -6.87
C GLU B 98 13.95 4.38 -8.26
N TYR B 99 13.71 3.45 -9.18
CA TYR B 99 14.28 3.51 -10.54
C TYR B 99 13.26 3.70 -11.68
N SER B 100 11.96 3.66 -11.35
CA SER B 100 10.96 4.00 -12.37
C SER B 100 9.64 4.46 -11.79
N THR B 101 8.77 4.91 -12.68
CA THR B 101 7.50 5.40 -12.28
C THR B 101 6.47 4.73 -13.14
N ASP B 102 5.49 4.15 -12.49
CA ASP B 102 4.41 3.52 -13.23
C ASP B 102 3.21 4.40 -13.24
N ILE B 103 2.50 4.39 -14.37
CA ILE B 103 1.21 5.10 -14.50
C ILE B 103 0.09 4.09 -14.78
N GLY B 104 -0.79 3.94 -13.81
CA GLY B 104 -2.01 3.05 -13.95
C GLY B 104 -1.62 1.58 -14.12
N SER B 105 -2.60 0.81 -14.55
CA SER B 105 -2.40 -0.64 -14.77
C SER B 105 -3.64 -1.19 -15.45
N ARG B 106 -3.44 -2.37 -16.01
CA ARG B 106 -4.58 -3.17 -16.55
C ARG B 106 -4.33 -4.62 -16.13
N VAL B 107 -5.33 -5.25 -15.54
CA VAL B 107 -5.18 -6.66 -15.13
C VAL B 107 -6.37 -7.50 -15.64
N PHE B 108 -6.17 -8.82 -15.69
CA PHE B 108 -7.20 -9.79 -16.14
C PHE B 108 -7.44 -10.82 -15.07
N LEU B 109 -8.69 -11.22 -14.88
CA LEU B 109 -8.98 -12.35 -13.97
C LEU B 109 -8.57 -13.71 -14.56
N MET B 110 -7.87 -14.54 -13.77
CA MET B 110 -7.40 -15.82 -14.25
C MET B 110 -8.30 -16.97 -13.73
N ALA B 111 -8.42 -18.02 -14.56
CA ALA B 111 -9.08 -19.28 -14.15
C ALA B 111 -8.02 -20.19 -13.50
N ASP B 112 -6.80 -20.20 -14.06
CA ASP B 112 -5.67 -21.00 -13.54
C ASP B 112 -4.41 -20.31 -14.05
N ASP B 113 -3.24 -20.92 -13.91
CA ASP B 113 -2.01 -20.18 -14.30
C ASP B 113 -1.92 -19.83 -15.76
N ASP B 114 -2.56 -20.61 -16.63
CA ASP B 114 -2.37 -20.42 -18.08
C ASP B 114 -3.60 -19.99 -18.83
N ASN B 115 -4.70 -19.69 -18.13
CA ASN B 115 -5.95 -19.36 -18.84
C ASN B 115 -6.72 -18.31 -18.11
N TYR B 116 -7.16 -17.30 -18.84
CA TYR B 116 -8.09 -16.33 -18.29
C TYR B 116 -9.41 -17.02 -17.95
N GLU B 117 -10.09 -16.48 -16.95
CA GLU B 117 -11.44 -16.85 -16.70
C GLU B 117 -12.32 -16.36 -17.86
N ILE B 118 -13.25 -17.21 -18.25
CA ILE B 118 -14.18 -16.83 -19.36
C ILE B 118 -15.57 -16.71 -18.79
N PHE B 119 -16.20 -15.56 -19.04
CA PHE B 119 -17.52 -15.26 -18.57
C PHE B 119 -18.50 -15.34 -19.71
N ASN B 120 -19.57 -16.09 -19.47
CA ASN B 120 -20.70 -16.14 -20.40
C ASN B 120 -21.85 -15.38 -19.73
N LEU B 121 -22.03 -14.12 -20.17
CA LEU B 121 -22.88 -13.20 -19.45
C LEU B 121 -24.36 -13.33 -19.82
N LEU B 122 -24.69 -13.96 -20.95
CA LEU B 122 -26.14 -13.96 -21.33
C LEU B 122 -27.00 -14.61 -20.26
N ASP B 123 -28.12 -13.93 -19.94
CA ASP B 123 -29.07 -14.46 -18.95
C ASP B 123 -28.45 -14.56 -17.56
N LYS B 124 -27.45 -13.73 -17.29
CA LYS B 124 -26.87 -13.72 -15.94
C LYS B 124 -26.86 -12.32 -15.41
N GLU B 125 -26.67 -12.22 -14.11
CA GLU B 125 -26.52 -10.93 -13.42
C GLU B 125 -25.08 -10.87 -12.90
N PHE B 126 -24.39 -9.78 -13.27
CA PHE B 126 -23.00 -9.63 -12.87
C PHE B 126 -22.95 -8.40 -11.95
N SER B 127 -22.32 -8.49 -10.77
CA SER B 127 -22.31 -7.36 -9.82
C SER B 127 -20.93 -7.25 -9.18
N PHE B 128 -20.61 -6.08 -8.69
CA PHE B 128 -19.38 -5.86 -7.90
C PHE B 128 -19.59 -4.55 -7.14
N ASP B 129 -18.68 -4.27 -6.21
CA ASP B 129 -18.68 -2.99 -5.48
C ASP B 129 -17.51 -2.16 -6.01
N VAL B 130 -17.69 -0.84 -6.02
CA VAL B 130 -16.59 0.05 -6.42
C VAL B 130 -16.53 1.27 -5.51
N ASP B 131 -15.28 1.65 -5.17
CA ASP B 131 -15.04 2.95 -4.55
C ASP B 131 -14.31 3.80 -5.56
N ALA B 132 -15.05 4.74 -6.18
CA ALA B 132 -14.56 5.71 -7.18
C ALA B 132 -14.27 7.08 -6.60
N SER B 133 -14.34 7.16 -5.27
CA SER B 133 -14.28 8.42 -4.59
C SER B 133 -12.94 9.10 -4.75
N ASN B 134 -11.88 8.33 -5.01
CA ASN B 134 -10.52 8.90 -5.13
C ASN B 134 -10.09 9.04 -6.61
N LEU B 135 -11.08 9.18 -7.51
CA LEU B 135 -10.78 9.41 -8.94
C LEU B 135 -11.31 10.75 -9.41
N PRO B 136 -10.43 11.69 -9.69
CA PRO B 136 -10.92 13.00 -10.13
C PRO B 136 -11.32 13.06 -11.57
N CYS B 137 -11.83 14.20 -12.03
CA CYS B 137 -11.94 14.46 -13.49
C CYS B 137 -10.68 14.02 -14.21
N GLY B 138 -10.85 13.35 -15.36
CA GLY B 138 -9.71 12.93 -16.17
C GLY B 138 -9.14 11.54 -15.92
N LEU B 139 -9.62 10.89 -14.87
CA LEU B 139 -9.25 9.49 -14.57
C LEU B 139 -10.40 8.58 -14.86
N ASN B 140 -10.06 7.31 -15.07
CA ASN B 140 -11.09 6.29 -15.37
C ASN B 140 -10.67 5.03 -14.62
N GLY B 141 -11.49 4.56 -13.70
CA GLY B 141 -11.27 3.23 -13.08
C GLY B 141 -12.31 2.35 -13.76
N ALA B 142 -11.88 1.44 -14.62
CA ALA B 142 -12.81 0.78 -15.52
C ALA B 142 -12.87 -0.72 -15.22
N LEU B 143 -14.07 -1.28 -15.29
CA LEU B 143 -14.25 -2.75 -15.25
C LEU B 143 -15.08 -3.15 -16.45
N TYR B 144 -14.52 -4.05 -17.21
CA TYR B 144 -15.14 -4.40 -18.49
C TYR B 144 -14.73 -5.78 -18.98
N PHE B 145 -15.32 -6.20 -20.11
CA PHE B 145 -15.09 -7.54 -20.68
C PHE B 145 -14.69 -7.34 -22.12
N VAL B 146 -13.74 -8.19 -22.55
CA VAL B 146 -13.33 -8.17 -23.99
C VAL B 146 -13.23 -9.61 -24.48
N SER B 147 -13.39 -9.73 -25.80
CA SER B 147 -13.30 -11.06 -26.47
C SER B 147 -11.87 -11.52 -26.77
N MET B 148 -11.03 -11.55 -25.73
CA MET B 148 -9.67 -12.08 -25.80
C MET B 148 -9.71 -13.59 -25.85
N ASP B 149 -8.63 -14.16 -26.37
CA ASP B 149 -8.47 -15.59 -26.38
C ASP B 149 -8.26 -16.05 -24.97
N GLU B 150 -8.91 -17.19 -24.61
CA GLU B 150 -8.75 -17.73 -23.25
C GLU B 150 -7.29 -17.97 -22.82
N ASP B 151 -6.48 -18.40 -23.78
CA ASP B 151 -5.05 -18.75 -23.54
C ASP B 151 -4.13 -17.58 -23.82
N GLY B 152 -4.72 -16.41 -24.08
CA GLY B 152 -3.97 -15.20 -24.42
C GLY B 152 -3.22 -15.26 -25.75
N GLY B 153 -3.46 -16.30 -26.55
CA GLY B 153 -2.95 -16.34 -27.93
C GLY B 153 -2.00 -17.51 -28.20
N THR B 154 -1.71 -18.34 -27.19
CA THR B 154 -0.61 -19.33 -27.34
C THR B 154 -0.97 -20.42 -28.33
N SER B 155 -2.25 -20.82 -28.40
CA SER B 155 -2.59 -21.90 -29.34
C SER B 155 -2.66 -21.40 -30.78
N LYS B 156 -3.06 -20.13 -31.00
CA LYS B 156 -3.21 -19.63 -32.35
C LYS B 156 -1.91 -19.09 -32.92
N TYR B 157 -1.06 -18.57 -32.05
CA TYR B 157 0.13 -17.84 -32.52
C TYR B 157 1.41 -18.47 -31.99
N SER B 158 2.14 -19.20 -32.85
CA SER B 158 3.22 -20.05 -32.29
C SER B 158 4.41 -19.30 -31.68
N THR B 159 4.55 -18.02 -32.03
CA THR B 159 5.62 -17.21 -31.42
C THR B 159 5.16 -16.56 -30.11
N ASN B 160 3.88 -16.73 -29.74
CA ASN B 160 3.48 -16.39 -28.38
C ASN B 160 3.65 -17.61 -27.51
N THR B 161 4.79 -17.75 -26.83
CA THR B 161 4.91 -18.84 -25.84
C THR B 161 4.66 -18.43 -24.38
N ALA B 162 4.47 -17.13 -24.14
CA ALA B 162 4.27 -16.59 -22.81
C ALA B 162 2.77 -16.76 -22.41
N GLY B 163 1.85 -16.34 -23.27
CA GLY B 163 0.43 -16.59 -23.04
C GLY B 163 -0.22 -15.79 -21.90
N ALA B 164 -1.43 -16.25 -21.55
CA ALA B 164 -2.23 -15.59 -20.53
C ALA B 164 -1.48 -15.56 -19.19
N LYS B 165 -0.55 -16.50 -18.96
CA LYS B 165 0.28 -16.49 -17.73
C LYS B 165 1.02 -15.18 -17.58
N TYR B 166 1.34 -14.56 -18.74
CA TYR B 166 2.07 -13.28 -18.74
C TYR B 166 1.18 -12.18 -19.32
N GLY B 167 -0.14 -12.39 -19.25
CA GLY B 167 -1.04 -11.29 -19.55
C GLY B 167 -1.07 -10.92 -20.99
N THR B 168 -0.81 -11.88 -21.85
CA THR B 168 -0.77 -11.50 -23.31
C THR B 168 -2.15 -11.43 -23.97
N GLY B 169 -2.17 -10.85 -25.16
CA GLY B 169 -3.36 -11.01 -25.98
C GLY B 169 -4.44 -9.97 -25.82
N TYR B 170 -4.13 -8.84 -25.15
CA TYR B 170 -5.17 -7.80 -25.07
C TYR B 170 -5.72 -7.34 -26.41
N CYS B 171 -7.06 -7.19 -26.48
CA CYS B 171 -7.67 -6.48 -27.63
C CYS B 171 -8.88 -5.73 -27.08
N ASP B 172 -9.41 -4.78 -27.82
CA ASP B 172 -10.69 -4.16 -27.44
C ASP B 172 -11.25 -3.46 -28.64
N ALA B 173 -12.36 -2.78 -28.41
CA ALA B 173 -13.13 -2.27 -29.58
C ALA B 173 -12.51 -1.00 -30.16
N GLN B 174 -11.38 -0.54 -29.58
CA GLN B 174 -10.61 0.59 -30.18
C GLN B 174 -9.58 0.15 -31.20
N CYS B 175 -9.41 -1.15 -31.39
CA CYS B 175 -8.36 -1.73 -32.26
C CYS B 175 -7.00 -1.05 -31.90
N PRO B 176 -6.61 -1.06 -30.65
CA PRO B 176 -5.44 -0.25 -30.27
C PRO B 176 -4.13 -0.67 -30.93
N HIS B 177 -3.41 0.35 -31.36
CA HIS B 177 -2.06 0.20 -31.98
C HIS B 177 -0.97 0.31 -30.96
N ASP B 178 -1.35 0.65 -29.73
CA ASP B 178 -0.33 0.81 -28.66
C ASP B 178 0.13 -0.49 -28.01
N MET B 179 -0.49 -1.62 -28.40
CA MET B 179 -0.03 -2.92 -27.89
C MET B 179 1.32 -3.29 -28.44
N LYS B 180 2.22 -3.69 -27.56
CA LYS B 180 3.59 -3.99 -28.02
C LYS B 180 3.72 -5.35 -28.63
N PHE B 181 2.77 -6.26 -28.27
CA PHE B 181 2.68 -7.59 -28.92
C PHE B 181 1.27 -7.82 -29.36
N ILE B 182 1.14 -8.16 -30.64
CA ILE B 182 -0.14 -8.45 -31.28
C ILE B 182 0.09 -9.75 -32.11
N ALA B 183 -0.85 -10.68 -32.08
CA ALA B 183 -0.75 -11.92 -32.87
C ALA B 183 0.60 -12.63 -32.61
N GLY B 184 1.09 -12.57 -31.37
CA GLY B 184 2.29 -13.24 -31.00
C GLY B 184 3.58 -12.60 -31.47
N LYS B 185 3.48 -11.45 -32.15
CA LYS B 185 4.64 -10.76 -32.71
C LYS B 185 4.86 -9.39 -32.09
N ALA B 186 6.13 -8.97 -31.95
CA ALA B 186 6.36 -7.55 -31.59
C ALA B 186 5.71 -6.61 -32.66
N ASN B 187 5.02 -5.58 -32.17
CA ASN B 187 4.35 -4.59 -33.04
C ASN B 187 5.29 -3.44 -33.34
N SER B 188 6.57 -3.75 -33.70
CA SER B 188 7.61 -2.72 -33.77
C SER B 188 7.75 -2.12 -35.15
N ASP B 189 7.13 -2.74 -36.16
CA ASP B 189 7.18 -2.17 -37.52
C ASP B 189 6.35 -0.90 -37.55
N GLY B 190 6.92 0.18 -38.10
CA GLY B 190 6.22 1.46 -38.17
C GLY B 190 5.93 2.13 -36.85
N TRP B 191 6.67 1.75 -35.83
CA TRP B 191 6.44 2.31 -34.49
C TRP B 191 6.71 3.79 -34.44
N THR B 192 5.75 4.55 -33.90
CA THR B 192 5.85 6.00 -33.74
C THR B 192 5.69 6.28 -32.24
N PRO B 193 6.68 6.90 -31.57
CA PRO B 193 6.50 7.19 -30.15
C PRO B 193 5.38 8.21 -30.01
N SER B 194 4.65 8.18 -28.91
CA SER B 194 3.69 9.22 -28.66
C SER B 194 4.38 10.59 -28.37
N ASP B 195 3.72 11.67 -28.79
CA ASP B 195 4.15 13.04 -28.43
C ASP B 195 3.86 13.44 -27.02
N ASN B 196 2.93 12.77 -26.38
CA ASN B 196 2.58 13.24 -25.04
C ASN B 196 2.61 12.17 -23.97
N ASP B 197 2.97 10.95 -24.35
CA ASP B 197 3.01 9.86 -23.37
C ASP B 197 4.40 9.27 -23.48
N GLN B 198 5.23 9.55 -22.50
CA GLN B 198 6.61 9.14 -22.58
C GLN B 198 6.76 7.61 -22.47
N ASN B 199 5.66 6.91 -22.18
CA ASN B 199 5.75 5.43 -22.12
C ASN B 199 5.12 4.74 -23.29
N ALA B 200 4.47 5.47 -24.20
CA ALA B 200 3.60 4.81 -25.20
C ALA B 200 3.96 5.14 -26.62
N GLY B 201 3.58 4.26 -27.55
CA GLY B 201 3.69 4.61 -28.98
C GLY B 201 2.65 3.83 -29.75
N THR B 202 2.77 3.80 -31.08
CA THR B 202 1.80 3.00 -31.83
C THR B 202 2.56 2.29 -32.93
N GLY B 203 2.18 1.06 -33.17
CA GLY B 203 2.74 0.27 -34.33
C GLY B 203 1.73 0.02 -35.40
N GLU B 204 2.17 -0.66 -36.47
CA GLU B 204 1.32 -0.82 -37.65
C GLU B 204 0.06 -1.62 -37.36
N MET B 205 0.18 -2.64 -36.51
CA MET B 205 -0.98 -3.49 -36.20
C MET B 205 -1.78 -2.90 -35.05
N GLY B 206 -3.09 -3.14 -35.15
CA GLY B 206 -3.97 -2.93 -33.95
C GLY B 206 -4.58 -4.27 -33.54
N ALA B 207 -5.21 -4.32 -32.35
CA ALA B 207 -5.69 -5.61 -31.78
C ALA B 207 -7.18 -5.43 -31.47
N CYS B 208 -8.03 -5.92 -32.36
CA CYS B 208 -9.43 -5.59 -32.33
C CYS B 208 -10.24 -6.72 -31.70
N CYS B 209 -11.27 -6.38 -30.89
CA CYS B 209 -12.33 -7.40 -30.57
C CYS B 209 -13.46 -6.73 -29.80
N HIS B 210 -14.57 -7.48 -29.69
CA HIS B 210 -15.81 -6.98 -29.02
C HIS B 210 -15.48 -6.61 -27.60
N GLU B 211 -16.27 -5.70 -27.06
CA GLU B 211 -15.97 -5.21 -25.71
C GLU B 211 -17.30 -4.82 -25.06
N MET B 212 -17.50 -5.26 -23.82
CA MET B 212 -18.70 -4.86 -23.07
C MET B 212 -18.19 -4.10 -21.84
N ASP B 213 -18.41 -2.78 -21.86
CA ASP B 213 -17.95 -1.94 -20.72
C ASP B 213 -19.00 -1.88 -19.65
N ILE B 214 -18.73 -2.53 -18.50
CA ILE B 214 -19.68 -2.52 -17.35
C ILE B 214 -19.58 -1.16 -16.64
N TRP B 215 -18.35 -0.68 -16.49
CA TRP B 215 -18.16 0.50 -15.65
C TRP B 215 -16.98 1.32 -16.14
N GLU B 216 -17.25 2.54 -16.65
CA GLU B 216 -16.18 3.47 -17.00
C GLU B 216 -16.52 4.69 -16.23
N ALA B 217 -15.66 5.08 -15.31
CA ALA B 217 -16.12 6.06 -14.31
C ALA B 217 -15.02 6.71 -13.47
N ASN B 218 -15.32 7.91 -12.98
CA ASN B 218 -14.51 8.52 -11.92
C ASN B 218 -15.55 9.03 -10.92
N SER B 219 -15.14 9.93 -10.03
CA SER B 219 -16.11 10.42 -9.05
C SER B 219 -17.20 11.30 -9.65
N GLN B 220 -17.02 11.73 -10.88
CA GLN B 220 -17.87 12.78 -11.48
C GLN B 220 -18.84 12.28 -12.53
N ALA B 221 -18.53 11.14 -13.14
CA ALA B 221 -19.38 10.65 -14.20
C ALA B 221 -19.14 9.15 -14.46
N GLN B 222 -20.16 8.51 -15.03
CA GLN B 222 -20.01 7.05 -15.27
C GLN B 222 -20.85 6.61 -16.48
N SER B 223 -20.39 5.54 -17.12
CA SER B 223 -21.16 4.97 -18.22
CA SER B 223 -21.11 4.98 -18.26
C SER B 223 -20.97 3.47 -18.34
N TYR B 224 -21.90 2.84 -19.05
CA TYR B 224 -21.70 1.43 -19.44
C TYR B 224 -22.07 1.37 -20.92
N THR B 225 -21.35 0.52 -21.69
CA THR B 225 -21.35 0.69 -23.14
C THR B 225 -21.08 -0.66 -23.81
N ALA B 226 -21.89 -0.94 -24.82
CA ALA B 226 -21.71 -2.19 -25.61
C ALA B 226 -21.02 -1.82 -26.92
N HIS B 227 -19.90 -2.51 -27.21
CA HIS B 227 -19.19 -2.32 -28.50
C HIS B 227 -19.15 -3.61 -29.21
N VAL B 228 -19.70 -3.63 -30.41
CA VAL B 228 -19.61 -4.85 -31.22
C VAL B 228 -18.70 -4.65 -32.45
N CYS B 229 -18.09 -5.73 -32.87
CA CYS B 229 -17.24 -5.77 -34.07
C CYS B 229 -17.84 -6.72 -35.09
N SER B 230 -17.44 -6.56 -36.35
CA SER B 230 -17.85 -7.43 -37.41
C SER B 230 -16.91 -8.61 -37.60
N VAL B 231 -15.96 -8.74 -36.69
CA VAL B 231 -14.98 -9.86 -36.80
C VAL B 231 -15.12 -10.73 -35.58
N ASP B 232 -14.54 -11.93 -35.66
CA ASP B 232 -14.84 -13.00 -34.74
C ASP B 232 -13.73 -13.10 -33.71
N GLY B 233 -13.98 -12.55 -32.53
CA GLY B 233 -12.96 -12.58 -31.48
C GLY B 233 -11.72 -11.75 -31.78
N TYR B 234 -10.62 -12.18 -31.18
CA TYR B 234 -9.38 -11.44 -31.29
C TYR B 234 -8.92 -11.36 -32.73
N THR B 235 -8.80 -10.16 -33.26
CA THR B 235 -8.47 -9.98 -34.69
C THR B 235 -7.41 -8.89 -34.86
N PRO B 236 -6.22 -9.29 -35.28
CA PRO B 236 -5.24 -8.24 -35.67
C PRO B 236 -5.75 -7.46 -36.86
N CYS B 237 -5.45 -6.16 -36.93
CA CYS B 237 -5.82 -5.34 -38.08
C CYS B 237 -4.62 -4.52 -38.55
N THR B 238 -4.65 -4.13 -39.84
CA THR B 238 -3.80 -3.02 -40.32
C THR B 238 -4.65 -2.12 -41.23
N GLY B 239 -4.13 -0.92 -41.50
CA GLY B 239 -4.78 0.01 -42.48
C GLY B 239 -6.18 0.41 -42.07
N THR B 240 -7.07 0.53 -43.06
CA THR B 240 -8.44 1.00 -42.79
C THR B 240 -9.28 0.04 -41.91
N ASP B 241 -8.91 -1.25 -41.88
CA ASP B 241 -9.64 -2.21 -41.05
C ASP B 241 -9.59 -1.83 -39.56
N CYS B 242 -8.52 -1.13 -39.14
CA CYS B 242 -8.44 -0.71 -37.69
C CYS B 242 -9.40 0.42 -37.40
N GLY B 243 -9.93 1.07 -38.42
CA GLY B 243 -10.83 2.20 -38.11
C GLY B 243 -10.22 3.31 -37.24
N ASP B 244 -9.00 3.72 -37.57
CA ASP B 244 -8.29 4.69 -36.76
C ASP B 244 -9.02 6.00 -36.55
N ASN B 245 -8.80 6.59 -35.37
CA ASN B 245 -9.35 7.89 -35.04
C ASN B 245 -9.07 8.84 -36.18
N GLY B 246 -10.00 9.77 -36.41
CA GLY B 246 -9.98 10.64 -37.56
C GLY B 246 -10.88 10.18 -38.68
N ASP B 247 -10.40 10.34 -39.91
CA ASP B 247 -11.24 10.05 -41.08
C ASP B 247 -11.74 8.60 -41.12
N ASP B 248 -10.97 7.67 -40.53
CA ASP B 248 -11.25 6.26 -40.69
C ASP B 248 -12.14 5.71 -39.54
N ARG B 249 -12.62 6.59 -38.65
CA ARG B 249 -13.24 6.14 -37.37
C ARG B 249 -14.33 5.05 -37.56
N TYR B 250 -15.15 5.20 -38.60
CA TYR B 250 -16.35 4.34 -38.82
C TYR B 250 -16.12 3.37 -39.96
N LYS B 251 -14.89 3.30 -40.44
CA LYS B 251 -14.57 2.47 -41.56
C LYS B 251 -13.92 1.13 -41.27
N GLY B 252 -13.63 0.84 -39.99
CA GLY B 252 -12.93 -0.40 -39.66
C GLY B 252 -13.91 -1.50 -39.21
N VAL B 253 -13.36 -2.49 -38.51
CA VAL B 253 -14.10 -3.68 -38.12
C VAL B 253 -14.80 -3.57 -36.75
N CYS B 254 -14.48 -2.55 -35.95
CA CYS B 254 -15.12 -2.43 -34.65
C CYS B 254 -15.76 -1.07 -34.48
N ASP B 255 -16.77 -1.07 -33.60
CA ASP B 255 -17.54 0.12 -33.23
C ASP B 255 -16.82 0.82 -32.05
N LYS B 256 -16.02 1.81 -32.36
CA LYS B 256 -15.24 2.57 -31.36
C LYS B 256 -16.14 3.32 -30.38
N ASP B 257 -17.21 3.91 -30.89
CA ASP B 257 -18.07 4.71 -30.00
C ASP B 257 -18.87 3.82 -29.04
N GLY B 258 -19.42 2.73 -29.55
CA GLY B 258 -20.29 1.86 -28.77
C GLY B 258 -21.70 2.46 -28.59
N CYS B 259 -22.63 1.61 -28.18
CA CYS B 259 -23.90 2.08 -27.67
C CYS B 259 -23.78 2.30 -26.16
N ASP B 260 -23.65 3.59 -25.76
CA ASP B 260 -23.39 3.98 -24.39
C ASP B 260 -24.67 4.40 -23.67
N TYR B 261 -24.75 3.97 -22.41
CA TYR B 261 -25.75 4.49 -21.47
C TYR B 261 -24.98 5.25 -20.41
N ALA B 262 -25.00 6.59 -20.52
CA ALA B 262 -24.22 7.43 -19.55
C ALA B 262 -25.23 8.40 -18.94
N ALA B 263 -25.55 8.18 -17.65
CA ALA B 263 -26.67 8.89 -17.06
C ALA B 263 -26.61 10.40 -17.23
N TYR B 264 -25.45 11.00 -17.00
CA TYR B 264 -25.32 12.48 -17.08
C TYR B 264 -25.58 12.95 -18.53
N ARG B 265 -24.96 12.27 -19.52
CA ARG B 265 -25.18 12.60 -20.91
C ARG B 265 -26.65 12.48 -21.34
N LEU B 266 -27.36 11.58 -20.65
CA LEU B 266 -28.76 11.32 -20.89
C LEU B 266 -29.69 12.27 -20.13
N GLY B 267 -29.10 13.34 -19.58
CA GLY B 267 -29.91 14.39 -18.95
C GLY B 267 -30.18 14.17 -17.50
N GLN B 268 -29.45 13.30 -16.84
CA GLN B 268 -29.70 13.03 -15.43
C GLN B 268 -28.45 13.41 -14.64
N HIS B 269 -28.34 14.70 -14.36
CA HIS B 269 -27.03 15.23 -13.90
C HIS B 269 -26.80 14.93 -12.44
N ASP B 270 -27.87 14.90 -11.64
CA ASP B 270 -27.71 14.63 -10.20
C ASP B 270 -27.75 13.16 -9.79
N PHE B 271 -27.89 12.27 -10.74
CA PHE B 271 -28.10 10.87 -10.40
C PHE B 271 -26.85 10.24 -9.79
N TYR B 272 -25.70 10.54 -10.38
CA TYR B 272 -24.45 9.99 -9.89
C TYR B 272 -23.44 11.11 -9.72
N GLY B 273 -22.73 11.07 -8.59
CA GLY B 273 -21.66 12.05 -8.35
C GLY B 273 -21.56 12.40 -6.89
N GLU B 274 -20.76 13.41 -6.60
CA GLU B 274 -20.59 13.88 -5.20
C GLU B 274 -21.95 14.27 -4.62
N GLY B 275 -22.48 13.53 -3.63
CA GLY B 275 -23.81 13.81 -3.06
C GLY B 275 -24.92 13.50 -4.04
N GLY B 276 -24.61 12.72 -5.10
CA GLY B 276 -25.68 12.24 -6.02
C GLY B 276 -26.64 11.22 -5.40
N THR B 277 -27.72 10.90 -6.11
CA THR B 277 -28.58 9.77 -5.70
C THR B 277 -27.74 8.55 -5.39
N VAL B 278 -26.85 8.23 -6.32
CA VAL B 278 -25.79 7.24 -6.07
C VAL B 278 -24.61 8.19 -5.78
N ASP B 279 -24.12 8.14 -4.55
CA ASP B 279 -23.06 9.03 -4.05
C ASP B 279 -21.70 8.43 -4.34
N SER B 280 -20.94 9.06 -5.23
CA SER B 280 -19.59 8.59 -5.56
C SER B 280 -18.60 8.82 -4.46
N GLY B 281 -19.02 9.51 -3.40
CA GLY B 281 -18.11 9.70 -2.26
C GLY B 281 -17.91 8.47 -1.43
N SER B 282 -18.67 7.40 -1.69
CA SER B 282 -18.49 6.16 -0.96
CA SER B 282 -18.65 6.15 -0.92
C SER B 282 -18.72 4.98 -1.86
N THR B 283 -18.39 3.80 -1.34
CA THR B 283 -18.55 2.53 -2.10
C THR B 283 -20.00 2.35 -2.48
N LEU B 284 -20.17 1.86 -3.72
CA LEU B 284 -21.48 1.49 -4.25
C LEU B 284 -21.43 0.15 -4.96
N THR B 285 -22.59 -0.52 -5.03
CA THR B 285 -22.75 -1.79 -5.74
C THR B 285 -23.37 -1.54 -7.09
N VAL B 286 -22.73 -2.10 -8.13
CA VAL B 286 -23.16 -1.97 -9.51
C VAL B 286 -23.63 -3.34 -10.01
N ILE B 287 -24.91 -3.41 -10.41
CA ILE B 287 -25.50 -4.67 -10.79
C ILE B 287 -25.93 -4.57 -12.26
N THR B 288 -25.57 -5.56 -13.07
CA THR B 288 -25.92 -5.46 -14.50
C THR B 288 -26.53 -6.75 -14.95
N GLN B 289 -27.64 -6.65 -15.70
CA GLN B 289 -28.37 -7.88 -16.09
C GLN B 289 -28.42 -7.98 -17.59
N PHE B 290 -28.07 -9.17 -18.12
CA PHE B 290 -28.07 -9.34 -19.54
C PHE B 290 -29.28 -10.20 -19.91
N ILE B 291 -30.33 -9.52 -20.28
CA ILE B 291 -31.67 -10.12 -20.45
C ILE B 291 -31.81 -10.61 -21.86
N THR B 292 -32.39 -11.79 -22.01
CA THR B 292 -32.49 -12.36 -23.39
C THR B 292 -33.96 -12.45 -23.85
N GLY B 293 -34.15 -12.54 -25.17
CA GLY B 293 -35.46 -12.97 -25.75
C GLY B 293 -35.15 -13.91 -26.88
N GLY B 294 -35.86 -15.04 -26.94
CA GLY B 294 -35.47 -16.04 -27.94
C GLY B 294 -33.98 -16.46 -27.87
N GLY B 295 -33.40 -16.42 -26.70
CA GLY B 295 -32.01 -16.84 -26.43
C GLY B 295 -31.00 -15.82 -26.88
N GLY B 296 -31.47 -14.64 -27.38
CA GLY B 296 -30.53 -13.57 -27.83
C GLY B 296 -30.64 -12.38 -26.88
N LEU B 297 -29.50 -11.74 -26.60
CA LEU B 297 -29.50 -10.49 -25.80
C LEU B 297 -30.51 -9.48 -26.38
N ASN B 298 -31.37 -8.92 -25.51
CA ASN B 298 -32.25 -7.80 -25.94
C ASN B 298 -32.27 -6.60 -25.01
N GLU B 299 -31.58 -6.70 -23.87
CA GLU B 299 -31.60 -5.57 -22.92
C GLU B 299 -30.49 -5.73 -21.94
N ILE B 300 -29.81 -4.63 -21.64
CA ILE B 300 -28.80 -4.68 -20.58
C ILE B 300 -29.27 -3.69 -19.50
N ARG B 301 -29.72 -4.23 -18.36
CA ARG B 301 -30.32 -3.40 -17.31
C ARG B 301 -29.29 -3.15 -16.23
N ARG B 302 -29.49 -2.04 -15.52
CA ARG B 302 -28.55 -1.63 -14.48
C ARG B 302 -29.38 -1.32 -13.22
N ILE B 303 -28.92 -1.87 -12.09
CA ILE B 303 -29.46 -1.50 -10.77
C ILE B 303 -28.22 -1.14 -9.88
N TYR B 304 -28.41 -0.26 -8.90
CA TYR B 304 -27.37 0.07 -7.96
C TYR B 304 -27.88 -0.24 -6.58
N GLN B 305 -26.95 -0.41 -5.65
CA GLN B 305 -27.27 -0.48 -4.20
C GLN B 305 -26.22 0.35 -3.50
N GLN B 306 -26.64 1.06 -2.47
CA GLN B 306 -25.67 1.76 -1.68
C GLN B 306 -26.30 1.87 -0.29
N GLY B 307 -25.49 1.58 0.75
CA GLY B 307 -26.02 1.58 2.16
C GLY B 307 -27.20 0.63 2.32
N GLY B 308 -27.19 -0.43 1.51
CA GLY B 308 -28.19 -1.50 1.54
C GLY B 308 -29.51 -1.16 0.85
N GLN B 309 -29.67 0.08 0.35
CA GLN B 309 -30.87 0.38 -0.42
C GLN B 309 -30.69 0.19 -1.93
N THR B 310 -31.75 -0.26 -2.59
CA THR B 310 -31.76 -0.50 -4.07
C THR B 310 -32.15 0.78 -4.77
N ILE B 311 -31.43 1.12 -5.86
CA ILE B 311 -31.62 2.35 -6.59
C ILE B 311 -31.72 1.98 -8.07
N GLN B 312 -32.90 2.18 -8.67
CA GLN B 312 -33.09 1.84 -10.10
C GLN B 312 -32.34 2.82 -10.99
N ASN B 313 -32.03 2.38 -12.20
CA ASN B 313 -31.30 3.25 -13.11
C ASN B 313 -32.09 4.51 -13.48
N ALA B 314 -31.39 5.64 -13.65
CA ALA B 314 -32.06 6.83 -14.13
C ALA B 314 -32.42 6.74 -15.60
N ALA B 315 -33.65 7.16 -15.95
CA ALA B 315 -34.15 7.06 -17.33
C ALA B 315 -33.70 8.24 -18.18
N VAL B 316 -33.59 8.01 -19.49
CA VAL B 316 -33.33 9.08 -20.44
C VAL B 316 -34.31 10.24 -20.16
N ASN B 317 -33.76 11.47 -20.08
CA ASN B 317 -34.49 12.66 -19.69
C ASN B 317 -34.37 13.77 -20.76
N PHE B 318 -34.99 13.50 -21.90
CA PHE B 318 -35.25 14.51 -22.94
C PHE B 318 -36.73 14.53 -23.33
N PRO B 319 -37.59 15.14 -22.47
CA PRO B 319 -39.09 15.09 -22.63
C PRO B 319 -39.48 15.61 -23.99
N GLY B 320 -40.29 14.84 -24.70
CA GLY B 320 -40.73 15.20 -26.03
C GLY B 320 -39.75 14.92 -27.19
N ASP B 321 -38.53 14.45 -26.87
CA ASP B 321 -37.49 14.21 -27.86
C ASP B 321 -37.13 12.73 -27.94
N VAL B 322 -36.96 12.10 -26.79
CA VAL B 322 -36.55 10.67 -26.74
C VAL B 322 -37.40 10.06 -25.64
N ASP B 323 -37.89 8.83 -25.87
CA ASP B 323 -38.64 8.05 -24.90
C ASP B 323 -37.76 7.78 -23.69
N PRO B 324 -38.38 7.64 -22.52
CA PRO B 324 -37.66 7.42 -21.26
C PRO B 324 -37.17 5.96 -21.09
N TYR B 325 -36.30 5.54 -21.99
CA TYR B 325 -35.58 4.26 -21.85
C TYR B 325 -34.78 4.30 -20.58
N ASP B 326 -34.56 3.16 -19.96
CA ASP B 326 -33.76 3.20 -18.71
C ASP B 326 -32.72 2.05 -18.77
N SER B 327 -32.40 1.60 -19.98
CA SER B 327 -31.52 0.42 -20.18
C SER B 327 -31.02 0.46 -21.61
N ILE B 328 -30.01 -0.35 -21.91
CA ILE B 328 -29.57 -0.50 -23.28
C ILE B 328 -30.44 -1.55 -23.98
N THR B 329 -31.05 -1.11 -25.07
CA THR B 329 -31.83 -1.98 -25.98
C THR B 329 -31.58 -1.47 -27.39
N GLU B 330 -31.94 -2.27 -28.37
CA GLU B 330 -31.80 -1.82 -29.76
C GLU B 330 -32.52 -0.48 -30.02
N ASP B 331 -33.77 -0.34 -29.58
CA ASP B 331 -34.48 0.95 -29.90
C ASP B 331 -33.86 2.12 -29.16
N PHE B 332 -33.32 1.90 -27.96
CA PHE B 332 -32.60 2.97 -27.30
C PHE B 332 -31.40 3.42 -28.15
N CYS B 333 -30.62 2.43 -28.61
CA CYS B 333 -29.42 2.77 -29.37
C CYS B 333 -29.77 3.51 -30.63
N VAL B 334 -30.74 2.99 -31.37
CA VAL B 334 -31.19 3.72 -32.59
C VAL B 334 -31.71 5.14 -32.28
N ASP B 335 -32.64 5.25 -31.33
CA ASP B 335 -33.23 6.55 -31.01
C ASP B 335 -32.23 7.54 -30.46
N ILE B 336 -31.33 7.08 -29.60
CA ILE B 336 -30.49 8.09 -28.95
C ILE B 336 -29.39 8.56 -29.93
N LYS B 337 -28.93 7.66 -30.79
CA LYS B 337 -27.93 8.08 -31.78
C LYS B 337 -28.46 9.05 -32.85
N ARG B 338 -29.71 8.82 -33.25
CA ARG B 338 -30.39 9.78 -34.13
C ARG B 338 -30.48 11.13 -33.41
N TYR B 339 -30.86 11.10 -32.15
CA TYR B 339 -31.00 12.38 -31.40
C TYR B 339 -29.67 13.12 -31.24
N PHE B 340 -28.62 12.36 -30.93
CA PHE B 340 -27.29 12.96 -30.67
C PHE B 340 -26.57 13.25 -32.01
N GLY B 341 -27.09 12.73 -33.12
CA GLY B 341 -26.41 12.91 -34.40
C GLY B 341 -25.14 12.07 -34.48
N ASP B 342 -25.11 10.95 -33.76
CA ASP B 342 -24.02 9.98 -33.77
C ASP B 342 -24.22 8.92 -34.87
N THR B 343 -23.16 8.61 -35.61
CA THR B 343 -23.21 7.56 -36.61
C THR B 343 -23.58 6.27 -35.90
N ASN B 344 -24.56 5.52 -36.39
CA ASN B 344 -24.86 4.22 -35.72
C ASN B 344 -23.97 3.08 -36.16
N ASP B 345 -22.70 3.14 -35.72
CA ASP B 345 -21.77 2.15 -36.11
C ASP B 345 -22.02 0.87 -35.31
N PHE B 346 -22.68 1.00 -34.17
CA PHE B 346 -23.14 -0.18 -33.38
C PHE B 346 -23.99 -1.12 -34.25
N ASP B 347 -25.04 -0.57 -34.90
CA ASP B 347 -25.85 -1.41 -35.76
C ASP B 347 -25.08 -1.82 -37.02
N ALA B 348 -24.20 -0.95 -37.52
CA ALA B 348 -23.42 -1.30 -38.70
C ALA B 348 -22.56 -2.52 -38.47
N LYS B 349 -22.09 -2.75 -37.23
CA LYS B 349 -21.17 -3.83 -36.95
C LYS B 349 -21.92 -5.08 -36.45
N GLY B 350 -23.25 -4.98 -36.32
CA GLY B 350 -24.09 -6.13 -35.95
C GLY B 350 -25.18 -5.87 -34.92
N GLY B 351 -25.14 -4.70 -34.26
CA GLY B 351 -26.13 -4.32 -33.25
C GLY B 351 -26.32 -5.35 -32.13
N MET B 352 -27.51 -5.35 -31.52
CA MET B 352 -27.70 -6.23 -30.36
C MET B 352 -27.52 -7.73 -30.72
N SER B 353 -27.87 -8.11 -31.95
CA SER B 353 -27.73 -9.53 -32.40
C SER B 353 -26.27 -9.95 -32.41
N GLY B 354 -25.46 -9.06 -32.98
CA GLY B 354 -24.04 -9.25 -32.99
C GLY B 354 -23.45 -9.24 -31.56
N MET B 355 -23.88 -8.30 -30.74
CA MET B 355 -23.36 -8.26 -29.36
C MET B 355 -23.75 -9.55 -28.62
N SER B 356 -25.00 -10.01 -28.88
CA SER B 356 -25.45 -11.26 -28.25
C SER B 356 -24.47 -12.40 -28.60
N ASN B 357 -24.12 -12.54 -29.88
CA ASN B 357 -23.22 -13.61 -30.29
C ASN B 357 -21.81 -13.49 -29.71
N ALA B 358 -21.36 -12.24 -29.54
CA ALA B 358 -20.09 -11.97 -28.85
C ALA B 358 -20.19 -12.47 -27.39
N LEU B 359 -21.30 -12.18 -26.67
CA LEU B 359 -21.37 -12.62 -25.31
C LEU B 359 -21.46 -14.13 -25.19
N LYS B 360 -22.18 -14.72 -26.13
CA LYS B 360 -22.38 -16.14 -26.17
C LYS B 360 -21.04 -16.90 -26.29
N LYS B 361 -20.06 -16.29 -26.92
CA LYS B 361 -18.75 -16.94 -27.15
C LYS B 361 -17.80 -16.79 -26.00
N GLY B 362 -18.15 -15.98 -25.02
CA GLY B 362 -17.30 -15.89 -23.83
C GLY B 362 -16.39 -14.68 -23.82
N MET B 363 -16.23 -14.04 -22.65
CA MET B 363 -15.33 -12.85 -22.58
C MET B 363 -14.43 -12.87 -21.32
N VAL B 364 -13.36 -12.10 -21.38
CA VAL B 364 -12.39 -12.02 -20.28
C VAL B 364 -12.70 -10.76 -19.50
N LEU B 365 -12.58 -10.85 -18.18
CA LEU B 365 -12.73 -9.69 -17.28
C LEU B 365 -11.47 -8.89 -17.12
N VAL B 366 -11.62 -7.57 -17.31
CA VAL B 366 -10.51 -6.61 -17.23
C VAL B 366 -10.83 -5.54 -16.19
N MET B 367 -9.85 -5.23 -15.36
CA MET B 367 -9.97 -4.04 -14.49
C MET B 367 -8.75 -3.16 -14.79
N SER B 368 -8.99 -1.84 -14.85
CA SER B 368 -7.95 -0.90 -15.27
CA SER B 368 -7.90 -0.90 -15.24
C SER B 368 -8.07 0.45 -14.59
N LEU B 369 -6.94 1.17 -14.50
CA LEU B 369 -7.01 2.60 -14.08
C LEU B 369 -6.11 3.33 -15.02
N TRP B 370 -6.66 4.35 -15.69
CA TRP B 370 -5.89 5.07 -16.71
C TRP B 370 -6.28 6.49 -16.84
N ASP B 371 -5.36 7.26 -17.41
CA ASP B 371 -5.67 8.57 -17.98
C ASP B 371 -5.61 8.56 -19.49
N ASP B 372 -6.13 9.60 -20.13
CA ASP B 372 -6.44 9.53 -21.57
C ASP B 372 -5.56 10.51 -22.33
N HIS B 373 -4.50 10.03 -23.02
CA HIS B 373 -3.62 10.96 -23.75
C HIS B 373 -4.19 11.40 -25.08
N TYR B 374 -5.27 10.81 -25.52
CA TYR B 374 -5.90 11.21 -26.80
C TYR B 374 -6.93 12.31 -26.60
N ALA B 375 -7.82 12.13 -25.62
CA ALA B 375 -9.01 12.98 -25.50
C ALA B 375 -9.27 13.47 -24.06
N ASN B 376 -8.29 13.27 -23.16
CA ASN B 376 -8.38 13.82 -21.77
C ASN B 376 -9.60 13.38 -20.97
N MET B 377 -10.19 12.21 -21.34
CA MET B 377 -11.39 11.71 -20.68
C MET B 377 -12.61 12.60 -20.85
N LEU B 378 -12.52 13.57 -21.80
CA LEU B 378 -13.57 14.60 -21.91
C LEU B 378 -14.90 13.97 -22.37
N TRP B 379 -14.77 12.88 -23.16
CA TRP B 379 -15.93 12.13 -23.67
C TRP B 379 -16.67 11.45 -22.52
N LEU B 380 -16.00 11.23 -21.39
CA LEU B 380 -16.68 10.62 -20.25
C LEU B 380 -17.29 11.64 -19.32
N ASP B 381 -16.55 12.73 -19.08
CA ASP B 381 -16.90 13.56 -17.93
C ASP B 381 -17.04 15.09 -18.16
N ALA B 382 -16.92 15.54 -19.41
CA ALA B 382 -16.87 17.00 -19.74
C ALA B 382 -17.84 17.31 -20.86
N THR B 383 -17.41 18.00 -21.92
CA THR B 383 -18.21 18.23 -23.12
C THR B 383 -17.32 17.70 -24.23
N TYR B 384 -17.92 16.95 -25.16
CA TYR B 384 -17.16 16.38 -26.25
C TYR B 384 -18.05 16.14 -27.46
N PRO B 385 -17.62 16.62 -28.64
CA PRO B 385 -16.48 17.49 -28.92
C PRO B 385 -16.57 18.76 -28.10
N VAL B 386 -15.41 19.31 -27.74
CA VAL B 386 -15.35 20.41 -26.76
C VAL B 386 -16.06 21.66 -27.28
N ASP B 387 -16.19 21.73 -28.60
CA ASP B 387 -16.82 22.92 -29.22
C ASP B 387 -18.24 22.61 -29.70
N SER B 388 -18.79 21.43 -29.35
CA SER B 388 -20.14 21.15 -29.76
C SER B 388 -21.23 21.61 -28.77
N THR B 389 -22.39 22.09 -29.29
CA THR B 389 -23.56 22.28 -28.42
C THR B 389 -24.74 21.39 -28.83
N GLU B 390 -24.47 20.49 -29.75
CA GLU B 390 -25.45 19.54 -30.18
C GLU B 390 -25.88 18.67 -28.99
N PRO B 391 -27.13 18.21 -28.97
CA PRO B 391 -27.59 17.28 -27.95
C PRO B 391 -26.58 16.13 -27.81
N GLY B 392 -26.27 15.76 -26.58
CA GLY B 392 -25.28 14.71 -26.35
C GLY B 392 -23.84 15.15 -26.17
N ALA B 393 -23.53 16.42 -26.45
CA ALA B 393 -22.14 16.86 -26.29
C ALA B 393 -21.79 16.90 -24.84
N LEU B 394 -22.74 17.37 -24.02
CA LEU B 394 -22.51 17.46 -22.59
C LEU B 394 -22.48 16.06 -21.96
N ARG B 395 -21.33 15.73 -21.32
CA ARG B 395 -21.10 14.36 -20.84
C ARG B 395 -21.04 14.38 -19.33
N GLY B 396 -20.53 15.45 -18.73
CA GLY B 396 -20.38 15.44 -17.24
C GLY B 396 -20.09 16.86 -16.75
N PRO B 397 -19.79 16.99 -15.45
CA PRO B 397 -19.61 18.32 -14.87
C PRO B 397 -18.21 18.89 -15.02
N CYS B 398 -17.25 18.12 -15.52
CA CYS B 398 -15.87 18.61 -15.61
C CYS B 398 -15.66 19.68 -16.72
N SER B 399 -14.64 20.49 -16.51
CA SER B 399 -14.25 21.52 -17.46
C SER B 399 -13.68 20.89 -18.72
N THR B 400 -13.83 21.57 -19.84
CA THR B 400 -13.17 21.12 -21.06
C THR B 400 -11.64 21.29 -21.02
N ASP B 401 -11.13 21.95 -19.98
CA ASP B 401 -9.69 22.05 -19.73
C ASP B 401 -9.14 20.97 -18.78
N SER B 402 -10.02 20.07 -18.35
CA SER B 402 -9.59 19.07 -17.37
C SER B 402 -9.00 17.83 -18.04
N GLY B 403 -8.40 16.99 -17.21
CA GLY B 403 -7.94 15.68 -17.68
C GLY B 403 -6.71 15.59 -18.56
N ASP B 404 -5.99 16.69 -18.77
CA ASP B 404 -4.70 16.55 -19.47
C ASP B 404 -3.77 15.66 -18.65
N PRO B 405 -3.21 14.61 -19.27
CA PRO B 405 -2.44 13.69 -18.40
C PRO B 405 -1.31 14.33 -17.61
N ALA B 406 -0.60 15.28 -18.20
CA ALA B 406 0.49 15.91 -17.44
C ALA B 406 -0.06 16.59 -16.16
N ASP B 407 -1.19 17.25 -16.34
CA ASP B 407 -1.87 17.91 -15.20
C ASP B 407 -2.33 16.90 -14.18
N VAL B 408 -3.04 15.82 -14.60
CA VAL B 408 -3.61 14.96 -13.55
C VAL B 408 -2.57 14.12 -12.85
N GLU B 409 -1.55 13.75 -13.59
CA GLU B 409 -0.44 13.01 -12.97
C GLU B 409 0.30 13.90 -11.96
N ALA B 410 0.40 15.20 -12.24
CA ALA B 410 1.11 16.12 -11.31
C ALA B 410 0.24 16.43 -10.09
N ASN B 411 -1.06 16.63 -10.34
CA ASN B 411 -2.03 17.13 -9.34
C ASN B 411 -2.70 16.05 -8.46
N PHE B 412 -2.94 14.88 -9.04
CA PHE B 412 -3.61 13.80 -8.33
C PHE B 412 -2.93 12.44 -8.47
N PRO B 413 -1.62 12.34 -8.21
CA PRO B 413 -0.91 11.06 -8.36
C PRO B 413 -1.38 9.98 -7.44
N GLY B 414 -1.99 10.36 -6.30
CA GLY B 414 -2.34 9.39 -5.30
C GLY B 414 -3.74 8.77 -5.53
N SER B 415 -4.33 9.09 -6.67
CA SER B 415 -5.68 8.56 -7.05
C SER B 415 -5.65 7.05 -7.08
N THR B 416 -6.76 6.42 -6.69
CA THR B 416 -6.82 4.96 -6.67
C THR B 416 -8.25 4.55 -7.00
N VAL B 417 -8.43 3.28 -7.35
CA VAL B 417 -9.79 2.72 -7.40
C VAL B 417 -9.77 1.36 -6.68
N THR B 418 -10.87 0.99 -5.99
CA THR B 418 -10.98 -0.32 -5.36
C THR B 418 -12.23 -1.01 -5.88
N PHE B 419 -12.06 -2.22 -6.39
CA PHE B 419 -13.16 -3.05 -6.88
C PHE B 419 -13.25 -4.19 -5.90
N SER B 420 -14.47 -4.62 -5.55
CA SER B 420 -14.57 -5.76 -4.65
C SER B 420 -15.82 -6.55 -4.89
N ASN B 421 -15.84 -7.73 -4.26
CA ASN B 421 -17.08 -8.53 -4.25
C ASN B 421 -17.62 -8.86 -5.66
N ILE B 422 -16.73 -9.26 -6.56
CA ILE B 422 -17.18 -9.65 -7.94
C ILE B 422 -18.03 -10.93 -7.84
N LYS B 423 -19.15 -10.93 -8.55
CA LYS B 423 -20.15 -11.96 -8.43
C LYS B 423 -20.92 -12.13 -9.69
N ILE B 424 -21.13 -13.39 -10.05
CA ILE B 424 -22.04 -13.64 -11.16
C ILE B 424 -23.04 -14.69 -10.67
N GLY B 425 -24.27 -14.55 -11.14
CA GLY B 425 -25.30 -15.55 -10.78
C GLY B 425 -26.55 -15.31 -11.60
N PRO B 426 -27.64 -16.00 -11.24
CA PRO B 426 -28.91 -15.79 -11.95
C PRO B 426 -29.46 -14.38 -11.75
N ILE B 427 -30.27 -13.99 -12.70
CA ILE B 427 -30.86 -12.68 -12.70
C ILE B 427 -31.93 -12.63 -11.60
N GLN B 428 -31.80 -11.66 -10.72
CA GLN B 428 -32.75 -11.41 -9.64
C GLN B 428 -33.71 -10.25 -9.84
N SER B 429 -34.79 -10.27 -9.05
CA SER B 429 -35.78 -9.22 -9.12
C SER B 429 -35.42 -8.13 -8.11
N TYR B 430 -35.47 -6.87 -8.51
CA TYR B 430 -35.18 -5.74 -7.61
C TYR B 430 -36.42 -4.85 -7.52
N ASP B 431 -36.37 -3.82 -6.66
CA ASP B 431 -37.36 -2.70 -6.60
C ASP B 431 -37.46 -2.06 -5.21
MG MG C . 24.94 23.98 41.52
MG MG D . -4.39 13.81 16.49
MG MG E . 22.39 14.87 43.42
MG MG F . -14.46 -20.82 -15.85
MG MG G . 20.81 -18.59 -25.82
MG MG H . 0.69 4.69 -3.96
MG MG I . -9.70 -14.26 -37.14
MG MG J . -22.72 -6.58 -1.56
#